data_7UWU
#
_entry.id   7UWU
#
_cell.length_a   69.170
_cell.length_b   82.370
_cell.length_c   213.320
_cell.angle_alpha   90.00
_cell.angle_beta   90.00
_cell.angle_gamma   90.00
#
_symmetry.space_group_name_H-M   'P 21 21 21'
#
loop_
_entity.id
_entity.type
_entity.pdbx_description
1 polymer 'Starch Adherence System protein 6 (Sas6)'
2 non-polymer 1,2-ETHANEDIOL
3 non-polymer 'THIOCYANATE ION'
4 non-polymer 'CALCIUM ION'
5 water water
#
_entity_poly.entity_id   1
_entity_poly.type   'polypeptide(L)'
_entity_poly.pdbx_seq_one_letter_code
;ATSSGSEAYFDNSKYGWKDVYVYAYGTKENAEWPGELMTKEDSGLYKASFASSFKSEKIIFNNGLEKGNGKEQYPEAAGL
SLKAGECKMLTAEKQWIDYGKPDDHAYGYTLTANNTAFSTESLDVKLALKNADKGYYSVDGSAKKEFANGDSVKVGEGKI
GNSKVTLTLYATGADGVETEQTYTFKKTFTASKTTFSAKSDGHTTAPESGYYGTNPEMQLGKHKTISVDGDLSDWDSSMI
IAQGVANDDPRVYMPSSMHEQPWDAYALYSAWDDDNLYFLLEMANTTYITSPEDNFAASNEARPWRNSIPMYLALSIDPA
KQATGKAVGTNKDGSVYTNPFVWGCTNGTAKDGGTGFTTHIDTLVAFDSNNSNGGASIFKADTQDTDGTYMFNYDTRIPI
GVTSFQAQDNKNGFKIKYANGTKSTSIFGINAPKGSRVMGDNLDMNSNWVDFFDEGYKNSYGYVYEIAVPLNTLGIDRSY
IETQGIGAMQILTYGTSGMDTLPHDPSMLDQANLEYSYDPSTSHEKEDIDNITVPLARIGALLPDTEVNEAPFEVNFGAN
LNSGQSAGTPITLLAESYHATGDVTYSFTVNGETVQNSNTDSCVWTPSADGTYSIGVVAVDANGNKAESTKTFVV
;
_entity_poly.pdbx_strand_id   A,B
#
# COMPACT_ATOMS: atom_id res chain seq x y z
N SER A 4 -2.98 -49.75 12.65
CA SER A 4 -1.99 -48.83 12.11
C SER A 4 -2.47 -48.12 10.83
N GLY A 5 -2.43 -46.79 10.81
CA GLY A 5 -2.84 -46.05 9.63
C GLY A 5 -4.29 -45.60 9.67
N SER A 6 -4.82 -45.34 8.48
CA SER A 6 -6.20 -44.88 8.37
C SER A 6 -6.85 -45.60 7.19
N GLU A 7 -8.17 -45.51 7.14
CA GLU A 7 -8.92 -46.17 6.10
C GLU A 7 -10.00 -45.23 5.59
N ALA A 8 -10.24 -45.29 4.29
CA ALA A 8 -11.34 -44.58 3.65
C ALA A 8 -12.20 -45.59 2.93
N TYR A 9 -13.51 -45.43 3.01
CA TYR A 9 -14.45 -46.26 2.25
C TYR A 9 -15.31 -45.36 1.37
N PHE A 10 -15.71 -45.90 0.23
CA PHE A 10 -16.51 -45.15 -0.74
C PHE A 10 -17.72 -46.00 -1.13
N ASP A 11 -18.91 -45.42 -1.01
CA ASP A 11 -20.13 -46.03 -1.53
C ASP A 11 -20.31 -45.63 -2.99
N ASN A 12 -20.24 -46.60 -3.89
CA ASN A 12 -20.28 -46.40 -5.34
C ASN A 12 -21.62 -46.77 -5.95
N SER A 13 -22.65 -46.93 -5.13
CA SER A 13 -23.93 -47.43 -5.59
C SER A 13 -24.68 -46.40 -6.44
N LYS A 14 -24.46 -45.11 -6.18
CA LYS A 14 -25.09 -44.03 -6.94
C LYS A 14 -24.18 -43.48 -8.05
N TYR A 15 -22.86 -43.39 -7.79
CA TYR A 15 -21.96 -42.85 -8.81
C TYR A 15 -21.80 -43.81 -9.99
N GLY A 16 -21.68 -45.11 -9.70
CA GLY A 16 -21.57 -46.08 -10.76
C GLY A 16 -20.27 -46.02 -11.52
N TRP A 17 -19.19 -45.55 -10.89
CA TRP A 17 -17.91 -45.52 -11.58
C TRP A 17 -17.40 -46.93 -11.80
N LYS A 18 -16.76 -47.15 -12.94
CA LYS A 18 -16.18 -48.47 -13.21
C LYS A 18 -14.95 -48.70 -12.34
N ASP A 19 -14.13 -47.68 -12.13
CA ASP A 19 -12.98 -47.77 -11.24
C ASP A 19 -12.97 -46.57 -10.30
N VAL A 20 -12.79 -46.84 -9.02
CA VAL A 20 -12.76 -45.79 -8.02
C VAL A 20 -11.32 -45.54 -7.62
N TYR A 21 -10.87 -44.32 -7.81
CA TYR A 21 -9.55 -43.89 -7.41
C TYR A 21 -9.65 -43.00 -6.18
N VAL A 22 -8.59 -43.00 -5.37
CA VAL A 22 -8.50 -42.16 -4.19
C VAL A 22 -7.18 -41.40 -4.24
N TYR A 23 -7.26 -40.07 -4.12
CA TYR A 23 -6.11 -39.18 -4.06
C TYR A 23 -5.98 -38.60 -2.66
N ALA A 24 -4.85 -38.83 -2.01
CA ALA A 24 -4.59 -38.34 -0.66
C ALA A 24 -3.48 -37.30 -0.73
N TYR A 25 -3.72 -36.13 -0.14
CA TYR A 25 -2.70 -35.09 -0.09
C TYR A 25 -2.75 -34.42 1.27
N GLY A 26 -1.57 -34.15 1.82
CA GLY A 26 -1.45 -33.56 3.15
C GLY A 26 -0.08 -33.84 3.71
N THR A 27 -0.01 -34.58 4.82
CA THR A 27 1.29 -35.04 5.33
C THR A 27 2.08 -35.75 4.25
N LYS A 28 1.39 -36.38 3.30
CA LYS A 28 2.02 -37.10 2.22
C LYS A 28 1.04 -37.16 1.06
N GLU A 29 1.56 -37.51 -0.12
CA GLU A 29 0.76 -37.69 -1.32
C GLU A 29 0.86 -39.14 -1.77
N ASN A 30 -0.27 -39.86 -1.76
CA ASN A 30 -0.22 -41.29 -1.99
C ASN A 30 0.32 -41.63 -3.38
N ALA A 31 0.06 -40.77 -4.36
CA ALA A 31 0.43 -41.04 -5.74
C ALA A 31 0.02 -39.84 -6.56
N GLU A 32 0.51 -39.79 -7.79
CA GLU A 32 0.10 -38.71 -8.69
C GLU A 32 -1.36 -38.89 -9.09
N TRP A 33 -2.08 -37.78 -9.18
CA TRP A 33 -3.47 -37.81 -9.62
C TRP A 33 -3.58 -38.68 -10.87
N PRO A 34 -4.68 -39.45 -11.02
CA PRO A 34 -5.89 -39.54 -10.19
C PRO A 34 -5.71 -40.20 -8.81
N GLY A 35 -4.53 -40.75 -8.52
CA GLY A 35 -4.29 -41.39 -7.24
C GLY A 35 -4.03 -42.87 -7.37
N GLU A 36 -4.44 -43.64 -6.37
CA GLU A 36 -4.31 -45.08 -6.36
C GLU A 36 -5.70 -45.72 -6.32
N LEU A 37 -5.76 -46.96 -6.80
CA LEU A 37 -7.03 -47.62 -7.04
C LEU A 37 -7.57 -48.21 -5.74
N MET A 38 -8.81 -47.85 -5.40
CA MET A 38 -9.48 -48.46 -4.27
C MET A 38 -9.88 -49.90 -4.58
N THR A 39 -10.03 -50.70 -3.53
CA THR A 39 -10.36 -52.11 -3.62
C THR A 39 -11.86 -52.30 -3.42
N LYS A 40 -12.54 -52.90 -4.40
CA LYS A 40 -13.96 -53.22 -4.23
C LYS A 40 -14.10 -54.45 -3.34
N GLU A 41 -14.84 -54.32 -2.24
CA GLU A 41 -14.95 -55.36 -1.24
C GLU A 41 -16.20 -56.22 -1.46
N ASP A 42 -16.43 -57.15 -0.52
CA ASP A 42 -17.66 -57.94 -0.55
C ASP A 42 -18.84 -57.14 -0.04
N SER A 43 -18.59 -56.21 0.88
CA SER A 43 -19.60 -55.25 1.31
C SER A 43 -20.25 -54.54 0.13
N GLY A 44 -19.56 -54.46 -1.01
CA GLY A 44 -19.92 -53.56 -2.09
C GLY A 44 -19.24 -52.22 -2.00
N LEU A 45 -18.70 -51.86 -0.84
CA LEU A 45 -17.97 -50.63 -0.67
C LEU A 45 -16.56 -50.76 -1.24
N TYR A 46 -16.02 -49.64 -1.68
CA TYR A 46 -14.62 -49.56 -2.07
C TYR A 46 -13.79 -49.05 -0.89
N LYS A 47 -12.64 -49.68 -0.69
CA LYS A 47 -11.80 -49.44 0.47
C LYS A 47 -10.39 -49.06 0.03
N ALA A 48 -9.80 -48.12 0.76
CA ALA A 48 -8.38 -47.76 0.63
C ALA A 48 -7.78 -47.59 2.01
N SER A 49 -6.50 -47.95 2.16
CA SER A 49 -5.81 -47.85 3.43
C SER A 49 -4.51 -47.07 3.29
N PHE A 50 -4.19 -46.25 4.30
CA PHE A 50 -3.01 -45.41 4.32
C PHE A 50 -2.15 -45.71 5.54
N ALA A 51 -0.84 -45.70 5.35
CA ALA A 51 0.12 -45.98 6.41
C ALA A 51 0.05 -44.89 7.49
N SER A 52 0.70 -45.17 8.63
CA SER A 52 0.69 -44.23 9.74
C SER A 52 1.45 -42.94 9.44
N SER A 53 2.31 -42.92 8.43
CA SER A 53 2.95 -41.66 8.02
C SER A 53 1.94 -40.65 7.49
N PHE A 54 0.86 -41.10 6.87
CA PHE A 54 -0.18 -40.21 6.36
C PHE A 54 -0.97 -39.68 7.55
N LYS A 55 -0.40 -38.68 8.23
CA LYS A 55 -0.92 -38.31 9.54
C LYS A 55 -2.10 -37.35 9.44
N SER A 56 -2.07 -36.44 8.48
CA SER A 56 -3.18 -35.52 8.25
C SER A 56 -3.34 -35.34 6.75
N GLU A 57 -4.47 -35.81 6.21
CA GLU A 57 -4.68 -35.92 4.79
C GLU A 57 -6.03 -35.34 4.39
N LYS A 58 -6.18 -35.08 3.10
CA LYS A 58 -7.46 -34.73 2.51
C LYS A 58 -7.69 -35.66 1.32
N ILE A 59 -8.91 -36.15 1.19
CA ILE A 59 -9.22 -37.26 0.29
C ILE A 59 -10.13 -36.79 -0.83
N ILE A 60 -9.75 -37.11 -2.06
CA ILE A 60 -10.57 -36.82 -3.24
C ILE A 60 -10.86 -38.13 -3.97
N PHE A 61 -12.14 -38.47 -4.10
CA PHE A 61 -12.57 -39.63 -4.88
C PHE A 61 -12.84 -39.23 -6.33
N ASN A 62 -12.30 -40.02 -7.26
CA ASN A 62 -12.54 -39.78 -8.68
C ASN A 62 -12.55 -41.11 -9.44
N ASN A 63 -13.06 -41.07 -10.68
CA ASN A 63 -13.18 -42.25 -11.54
C ASN A 63 -11.98 -42.45 -12.44
N GLY A 64 -10.98 -41.57 -12.37
CA GLY A 64 -9.73 -41.74 -13.07
C GLY A 64 -9.70 -41.16 -14.47
N LEU A 65 -10.85 -41.13 -15.14
CA LEU A 65 -10.88 -40.60 -16.49
C LEU A 65 -10.46 -39.14 -16.49
N GLU A 66 -9.96 -38.69 -17.65
CA GLU A 66 -9.43 -37.36 -17.80
C GLU A 66 -10.53 -36.39 -18.24
N LYS A 67 -10.22 -35.10 -18.12
CA LYS A 67 -11.12 -34.06 -18.61
C LYS A 67 -11.41 -34.26 -20.09
N GLY A 68 -12.66 -34.04 -20.47
CA GLY A 68 -13.07 -34.29 -21.83
C GLY A 68 -13.24 -35.74 -22.19
N ASN A 69 -12.98 -36.65 -21.26
CA ASN A 69 -13.26 -38.08 -21.46
C ASN A 69 -14.10 -38.64 -20.32
N GLY A 70 -14.88 -37.80 -19.64
CA GLY A 70 -15.82 -38.34 -18.66
C GLY A 70 -15.29 -38.36 -17.24
N LYS A 71 -14.45 -37.39 -16.91
CA LYS A 71 -13.93 -37.28 -15.55
C LYS A 71 -15.04 -36.95 -14.57
N GLU A 72 -15.11 -37.74 -13.50
CA GLU A 72 -15.96 -37.41 -12.35
C GLU A 72 -15.11 -37.44 -11.09
N GLN A 73 -15.53 -36.68 -10.07
CA GLN A 73 -14.82 -36.62 -8.81
C GLN A 73 -15.75 -36.09 -7.72
N TYR A 74 -15.37 -36.38 -6.46
CA TYR A 74 -16.07 -35.85 -5.28
C TYR A 74 -15.07 -35.86 -4.12
N PRO A 75 -14.88 -34.72 -3.43
CA PRO A 75 -15.48 -33.40 -3.68
C PRO A 75 -14.90 -32.73 -4.94
N GLU A 76 -15.48 -31.62 -5.41
CA GLU A 76 -14.93 -30.94 -6.58
C GLU A 76 -13.76 -30.03 -6.24
N ALA A 77 -13.62 -29.62 -4.99
CA ALA A 77 -12.64 -28.62 -4.61
C ALA A 77 -11.74 -29.23 -3.56
N ALA A 78 -11.87 -28.86 -2.29
CA ALA A 78 -11.00 -29.41 -1.25
C ALA A 78 -11.33 -30.88 -0.95
N GLY A 79 -10.36 -31.61 -0.42
CA GLY A 79 -10.61 -32.99 -0.02
C GLY A 79 -11.28 -33.10 1.35
N LEU A 80 -11.75 -34.31 1.66
CA LEU A 80 -12.34 -34.60 2.95
C LEU A 80 -11.26 -35.00 3.96
N SER A 81 -11.49 -34.63 5.22
CA SER A 81 -10.46 -34.78 6.24
C SER A 81 -10.34 -36.23 6.70
N LEU A 82 -9.12 -36.73 6.76
CA LEU A 82 -8.84 -38.07 7.28
C LEU A 82 -7.48 -38.08 7.96
N LYS A 83 -7.45 -38.37 9.26
CA LYS A 83 -6.21 -38.42 10.00
C LYS A 83 -5.89 -39.87 10.37
N ALA A 84 -4.60 -40.12 10.59
CA ALA A 84 -4.19 -41.42 11.10
C ALA A 84 -5.03 -41.78 12.31
N GLY A 85 -5.44 -43.06 12.38
CA GLY A 85 -6.27 -43.51 13.46
C GLY A 85 -7.75 -43.50 13.19
N GLU A 86 -8.20 -42.81 12.14
CA GLU A 86 -9.60 -42.68 11.79
C GLU A 86 -9.99 -43.67 10.68
N CYS A 87 -11.30 -43.90 10.57
CA CYS A 87 -11.87 -44.75 9.54
C CYS A 87 -13.19 -44.13 9.14
N LYS A 88 -13.30 -43.72 7.89
CA LYS A 88 -14.45 -42.97 7.45
C LYS A 88 -14.98 -43.55 6.15
N MET A 89 -16.24 -43.23 5.84
CA MET A 89 -16.88 -43.69 4.63
C MET A 89 -17.70 -42.55 4.04
N LEU A 90 -17.68 -42.45 2.71
CA LEU A 90 -18.56 -41.55 1.98
C LEU A 90 -19.81 -42.32 1.58
N THR A 91 -20.95 -41.93 2.14
CA THR A 91 -22.20 -42.65 1.95
C THR A 91 -22.81 -42.38 0.57
N ALA A 92 -23.87 -43.13 0.28
CA ALA A 92 -24.63 -42.91 -0.94
C ALA A 92 -25.20 -41.49 -1.01
N GLU A 93 -25.50 -40.88 0.14
CA GLU A 93 -25.99 -39.50 0.22
C GLU A 93 -24.86 -38.48 0.23
N LYS A 94 -23.60 -38.94 0.13
CA LYS A 94 -22.43 -38.07 0.05
C LYS A 94 -22.11 -37.41 1.40
N GLN A 95 -22.37 -38.11 2.50
CA GLN A 95 -21.96 -37.69 3.84
C GLN A 95 -20.61 -38.33 4.17
N TRP A 96 -19.66 -37.52 4.66
CA TRP A 96 -18.38 -38.00 5.19
C TRP A 96 -18.58 -38.38 6.65
N ILE A 97 -18.66 -39.67 6.94
CA ILE A 97 -19.05 -40.12 8.27
C ILE A 97 -18.00 -41.05 8.84
N ASP A 98 -17.91 -41.05 10.18
CA ASP A 98 -17.10 -42.05 10.86
C ASP A 98 -17.71 -43.43 10.63
N TYR A 99 -16.85 -44.42 10.57
CA TYR A 99 -17.23 -45.77 10.18
C TYR A 99 -16.48 -46.73 11.11
N GLY A 100 -16.82 -46.71 12.39
CA GLY A 100 -15.99 -47.40 13.35
C GLY A 100 -14.56 -46.87 13.33
N LYS A 101 -13.64 -47.74 13.71
CA LYS A 101 -12.22 -47.45 13.77
C LYS A 101 -11.48 -48.42 12.86
N PRO A 102 -10.20 -48.13 12.55
CA PRO A 102 -9.40 -49.03 11.68
C PRO A 102 -8.83 -50.23 12.42
N ASP A 103 -9.73 -51.12 12.84
CA ASP A 103 -9.40 -52.37 13.50
C ASP A 103 -10.41 -53.41 13.02
N ASP A 104 -10.46 -54.56 13.69
CA ASP A 104 -11.40 -55.63 13.35
C ASP A 104 -12.55 -55.71 14.34
N HIS A 105 -12.72 -54.69 15.17
CA HIS A 105 -13.83 -54.77 16.09
C HIS A 105 -15.12 -54.40 15.37
N ALA A 106 -16.23 -54.65 16.07
CA ALA A 106 -17.54 -54.20 15.65
C ALA A 106 -17.82 -52.83 16.24
N TYR A 107 -18.65 -52.05 15.54
CA TYR A 107 -19.01 -50.70 15.99
C TYR A 107 -20.37 -50.37 15.44
N GLY A 108 -21.18 -49.67 16.23
CA GLY A 108 -22.35 -49.00 15.72
C GLY A 108 -21.96 -47.64 15.19
N TYR A 109 -22.56 -47.25 14.07
CA TYR A 109 -22.28 -45.91 13.56
C TYR A 109 -23.58 -45.29 13.04
N THR A 110 -23.54 -43.98 12.81
CA THR A 110 -24.65 -43.24 12.23
C THR A 110 -24.36 -42.87 10.78
N LEU A 111 -25.42 -42.78 10.00
CA LEU A 111 -25.30 -42.34 8.62
C LEU A 111 -25.33 -40.83 8.48
N THR A 112 -25.61 -40.12 9.57
CA THR A 112 -25.40 -38.68 9.63
C THR A 112 -24.09 -38.34 10.34
N ALA A 113 -23.37 -37.37 9.81
CA ALA A 113 -22.05 -37.03 10.33
C ALA A 113 -22.13 -36.56 11.79
N ASN A 114 -21.15 -36.97 12.58
CA ASN A 114 -21.13 -36.55 13.98
C ASN A 114 -21.09 -35.01 14.09
N ASN A 115 -21.73 -34.49 15.13
CA ASN A 115 -21.73 -33.04 15.44
C ASN A 115 -22.58 -32.25 14.45
N THR A 116 -23.61 -32.86 13.88
CA THR A 116 -24.47 -32.17 12.94
C THR A 116 -25.50 -31.33 13.68
N ALA A 117 -25.67 -30.09 13.27
CA ALA A 117 -26.72 -29.23 13.80
C ALA A 117 -27.94 -29.27 12.87
N PHE A 118 -29.12 -29.04 13.45
CA PHE A 118 -30.37 -29.09 12.70
C PHE A 118 -31.39 -28.19 13.39
N SER A 119 -32.30 -27.62 12.59
CA SER A 119 -33.31 -26.71 13.11
C SER A 119 -34.71 -27.29 13.01
N THR A 120 -34.85 -28.50 12.49
CA THR A 120 -36.13 -29.20 12.53
C THR A 120 -36.40 -29.75 13.94
N GLU A 121 -37.65 -30.19 14.18
CA GLU A 121 -38.00 -30.65 15.51
C GLU A 121 -37.37 -31.98 15.86
N SER A 122 -36.88 -32.73 14.86
CA SER A 122 -36.10 -33.93 15.11
C SER A 122 -35.34 -34.24 13.83
N LEU A 123 -34.20 -34.90 13.99
CA LEU A 123 -33.37 -35.32 12.86
C LEU A 123 -33.38 -36.83 12.82
N ASP A 124 -33.83 -37.39 11.71
CA ASP A 124 -33.92 -38.84 11.56
C ASP A 124 -32.54 -39.36 11.19
N VAL A 125 -31.86 -39.95 12.17
CA VAL A 125 -30.53 -40.51 11.96
C VAL A 125 -30.68 -42.01 11.77
N LYS A 126 -30.16 -42.52 10.66
CA LYS A 126 -30.14 -43.96 10.42
C LYS A 126 -28.92 -44.59 11.10
N LEU A 127 -29.13 -45.77 11.66
CA LEU A 127 -28.10 -46.53 12.35
C LEU A 127 -27.67 -47.72 11.52
N ALA A 128 -26.41 -48.10 11.69
CA ALA A 128 -25.84 -49.23 10.96
C ALA A 128 -24.77 -49.87 11.84
N LEU A 129 -24.40 -51.08 11.47
CA LEU A 129 -23.49 -51.88 12.27
C LEU A 129 -22.35 -52.36 11.39
N LYS A 130 -21.12 -52.16 11.85
CA LYS A 130 -19.94 -52.64 11.15
C LYS A 130 -19.43 -53.91 11.85
N ASN A 131 -19.42 -55.03 11.13
CA ASN A 131 -18.94 -56.33 11.65
C ASN A 131 -19.83 -56.87 12.74
N ALA A 132 -21.12 -56.53 12.70
CA ALA A 132 -22.12 -57.09 13.59
C ALA A 132 -23.48 -56.91 12.94
N ASP A 133 -24.47 -57.61 13.46
CA ASP A 133 -25.80 -57.48 12.90
C ASP A 133 -26.86 -57.15 13.92
N LYS A 134 -26.48 -56.90 15.18
CA LYS A 134 -27.38 -56.36 16.18
C LYS A 134 -26.59 -55.41 17.06
N GLY A 135 -27.24 -54.31 17.44
CA GLY A 135 -26.63 -53.36 18.36
C GLY A 135 -27.66 -52.83 19.34
N TYR A 136 -27.17 -51.97 20.22
CA TYR A 136 -28.02 -51.26 21.17
C TYR A 136 -27.68 -49.78 21.08
N TYR A 137 -28.61 -48.93 21.52
CA TYR A 137 -28.29 -47.52 21.60
C TYR A 137 -28.92 -46.93 22.84
N SER A 138 -28.34 -45.83 23.32
CA SER A 138 -28.90 -45.05 24.41
C SER A 138 -28.87 -43.58 23.97
N VAL A 139 -29.97 -42.88 24.15
CA VAL A 139 -30.06 -41.46 23.77
C VAL A 139 -30.26 -40.63 25.02
N ASP A 140 -29.41 -39.61 25.20
CA ASP A 140 -29.45 -38.80 26.40
C ASP A 140 -29.52 -39.68 27.65
N GLY A 141 -28.68 -40.70 27.68
CA GLY A 141 -28.62 -41.61 28.82
C GLY A 141 -29.87 -42.44 29.07
N SER A 142 -30.57 -42.83 28.01
CA SER A 142 -31.73 -43.69 28.20
C SER A 142 -31.28 -45.14 28.37
N ALA A 143 -32.24 -46.00 28.76
CA ALA A 143 -31.97 -47.43 28.81
C ALA A 143 -31.51 -47.94 27.44
N LYS A 144 -30.57 -48.89 27.45
CA LYS A 144 -30.12 -49.47 26.20
C LYS A 144 -31.30 -50.07 25.43
N LYS A 145 -31.34 -49.83 24.10
CA LYS A 145 -32.40 -50.33 23.22
C LYS A 145 -31.79 -51.02 22.01
N GLU A 146 -32.35 -52.19 21.66
CA GLU A 146 -31.90 -52.95 20.51
C GLU A 146 -32.04 -52.13 19.23
N PHE A 147 -31.15 -52.40 18.27
CA PHE A 147 -31.35 -51.87 16.94
C PHE A 147 -30.64 -52.76 15.93
N ALA A 148 -31.07 -52.64 14.68
CA ALA A 148 -30.52 -53.36 13.53
C ALA A 148 -30.20 -52.37 12.42
N ASN A 149 -29.60 -52.89 11.35
CA ASN A 149 -29.25 -52.03 10.22
C ASN A 149 -30.51 -51.43 9.58
N GLY A 150 -30.48 -50.12 9.35
CA GLY A 150 -31.60 -49.43 8.78
C GLY A 150 -32.48 -48.74 9.80
N ASP A 151 -32.42 -49.16 11.06
CA ASP A 151 -33.23 -48.54 12.09
C ASP A 151 -32.92 -47.04 12.20
N SER A 152 -33.78 -46.31 12.89
CA SER A 152 -33.65 -44.87 12.93
C SER A 152 -33.91 -44.39 14.35
N VAL A 153 -33.38 -43.21 14.66
CA VAL A 153 -33.56 -42.58 15.96
C VAL A 153 -33.96 -41.13 15.76
N LYS A 154 -35.06 -40.72 16.39
CA LYS A 154 -35.51 -39.33 16.25
C LYS A 154 -34.69 -38.44 17.18
N VAL A 155 -33.52 -38.04 16.69
CA VAL A 155 -32.61 -37.21 17.47
C VAL A 155 -33.22 -35.82 17.67
N GLY A 156 -33.34 -35.40 18.93
CA GLY A 156 -33.92 -34.11 19.27
C GLY A 156 -35.41 -34.11 19.55
N GLU A 157 -36.11 -35.18 19.19
CA GLU A 157 -37.56 -35.23 19.34
C GLU A 157 -37.98 -34.95 20.78
N GLY A 158 -38.96 -34.06 20.95
CA GLY A 158 -39.44 -33.69 22.26
C GLY A 158 -38.63 -32.64 22.99
N LYS A 159 -37.42 -32.31 22.51
CA LYS A 159 -36.48 -31.48 23.23
C LYS A 159 -36.71 -30.00 22.97
N ILE A 160 -36.38 -29.20 23.99
CA ILE A 160 -36.30 -27.77 23.77
C ILE A 160 -35.21 -27.49 22.72
N GLY A 161 -35.33 -26.35 22.06
CA GLY A 161 -34.36 -25.97 21.07
C GLY A 161 -33.12 -25.35 21.68
N ASN A 162 -32.05 -25.33 20.89
CA ASN A 162 -30.73 -24.97 21.38
C ASN A 162 -30.29 -25.91 22.49
N SER A 163 -30.22 -27.18 22.14
CA SER A 163 -29.78 -28.16 23.11
C SER A 163 -29.01 -29.23 22.37
N LYS A 164 -28.09 -29.87 23.09
CA LYS A 164 -27.30 -30.97 22.57
C LYS A 164 -28.03 -32.29 22.80
N VAL A 165 -27.78 -33.25 21.92
CA VAL A 165 -28.25 -34.62 22.08
C VAL A 165 -27.05 -35.56 22.04
N THR A 166 -27.00 -36.49 22.99
CA THR A 166 -25.96 -37.52 23.08
C THR A 166 -26.55 -38.88 22.69
N LEU A 167 -25.86 -39.59 21.81
CA LEU A 167 -26.36 -40.87 21.32
C LEU A 167 -25.19 -41.83 21.25
N THR A 168 -25.26 -42.88 22.06
CA THR A 168 -24.19 -43.86 22.14
C THR A 168 -24.65 -45.19 21.55
N LEU A 169 -23.88 -45.72 20.61
CA LEU A 169 -24.13 -47.00 19.98
C LEU A 169 -23.19 -48.05 20.54
N TYR A 170 -23.75 -49.18 20.96
CA TYR A 170 -23.02 -50.31 21.52
C TYR A 170 -23.06 -51.49 20.57
N ALA A 171 -21.93 -52.19 20.44
CA ALA A 171 -21.79 -53.27 19.48
C ALA A 171 -20.79 -54.28 20.00
N THR A 172 -20.97 -55.54 19.59
CA THR A 172 -20.04 -56.60 19.95
C THR A 172 -19.78 -57.45 18.71
N GLY A 173 -18.50 -57.63 18.36
CA GLY A 173 -18.11 -58.37 17.20
C GLY A 173 -17.79 -59.82 17.50
N ALA A 174 -17.31 -60.53 16.48
CA ALA A 174 -16.96 -61.93 16.64
C ALA A 174 -15.73 -62.14 17.53
N ASP A 175 -14.93 -61.09 17.76
CA ASP A 175 -13.84 -61.16 18.73
C ASP A 175 -14.32 -60.90 20.16
N GLY A 176 -15.61 -60.64 20.36
CA GLY A 176 -16.17 -60.47 21.68
C GLY A 176 -15.93 -59.13 22.30
N VAL A 177 -15.21 -58.24 21.63
CA VAL A 177 -14.91 -56.93 22.18
C VAL A 177 -16.16 -56.06 22.09
N GLU A 178 -16.64 -55.60 23.23
CA GLU A 178 -17.72 -54.65 23.24
C GLU A 178 -17.11 -53.27 23.00
N THR A 179 -17.70 -52.52 22.10
CA THR A 179 -17.26 -51.17 21.81
C THR A 179 -18.46 -50.26 21.96
N GLU A 180 -18.17 -48.97 22.11
CA GLU A 180 -19.20 -47.93 22.12
C GLU A 180 -18.71 -46.77 21.25
N GLN A 181 -19.67 -46.06 20.67
CA GLN A 181 -19.42 -44.87 19.86
C GLN A 181 -20.42 -43.81 20.29
N THR A 182 -19.92 -42.73 20.88
CA THR A 182 -20.75 -41.64 21.37
C THR A 182 -20.80 -40.50 20.35
N TYR A 183 -22.01 -40.10 19.98
CA TYR A 183 -22.23 -39.06 18.98
C TYR A 183 -22.95 -37.88 19.62
N THR A 184 -22.64 -36.68 19.14
CA THR A 184 -23.24 -35.46 19.66
C THR A 184 -23.93 -34.70 18.55
N PHE A 185 -25.20 -34.33 18.76
CA PHE A 185 -25.95 -33.51 17.80
C PHE A 185 -26.53 -32.30 18.52
N LYS A 186 -26.72 -31.21 17.78
CA LYS A 186 -27.31 -30.01 18.37
C LYS A 186 -28.61 -29.65 17.64
N LYS A 187 -29.68 -29.51 18.42
CA LYS A 187 -30.94 -28.96 17.96
C LYS A 187 -30.87 -27.45 18.14
N THR A 188 -31.01 -26.69 17.05
CA THR A 188 -30.95 -25.24 17.16
C THR A 188 -32.36 -24.65 17.13
N PHE A 189 -32.48 -23.46 17.72
CA PHE A 189 -33.70 -22.67 17.64
C PHE A 189 -33.31 -21.23 17.37
N THR A 190 -34.01 -20.60 16.43
CA THR A 190 -33.74 -19.22 16.07
C THR A 190 -35.03 -18.41 16.15
N ALA A 191 -35.09 -17.51 17.13
CA ALA A 191 -36.21 -16.59 17.22
C ALA A 191 -36.14 -15.58 16.10
N SER A 192 -37.30 -15.16 15.62
CA SER A 192 -37.36 -14.06 14.67
C SER A 192 -36.95 -12.75 15.36
N LYS A 193 -36.24 -11.90 14.62
CA LYS A 193 -35.78 -10.62 15.08
C LYS A 193 -36.53 -9.52 14.34
N THR A 194 -36.84 -8.44 15.03
CA THR A 194 -37.45 -7.31 14.34
C THR A 194 -36.40 -6.68 13.40
N THR A 195 -36.74 -6.58 12.12
CA THR A 195 -35.87 -5.99 11.13
C THR A 195 -36.60 -4.82 10.47
N PHE A 196 -35.86 -4.03 9.71
CA PHE A 196 -36.53 -2.94 9.02
C PHE A 196 -35.67 -2.46 7.85
N SER A 197 -36.32 -1.93 6.84
CA SER A 197 -35.64 -1.40 5.66
C SER A 197 -36.53 -0.33 5.03
N ALA A 198 -35.91 0.52 4.22
CA ALA A 198 -36.58 1.63 3.56
C ALA A 198 -36.13 1.65 2.11
N LYS A 199 -37.08 1.70 1.19
CA LYS A 199 -36.70 1.65 -0.22
C LYS A 199 -35.85 2.84 -0.62
N SER A 200 -36.09 4.00 -0.01
CA SER A 200 -35.53 5.27 -0.49
C SER A 200 -34.00 5.36 -0.38
N ASP A 201 -33.35 4.46 0.35
CA ASP A 201 -31.89 4.50 0.47
C ASP A 201 -31.17 3.76 -0.65
N GLY A 202 -31.90 3.24 -1.65
CA GLY A 202 -31.30 2.58 -2.79
C GLY A 202 -30.71 1.21 -2.51
N HIS A 203 -30.92 0.64 -1.32
CA HIS A 203 -30.43 -0.69 -1.03
C HIS A 203 -31.19 -1.74 -1.81
N THR A 204 -30.50 -2.80 -2.23
CA THR A 204 -31.11 -3.91 -2.93
C THR A 204 -30.90 -5.25 -2.25
N THR A 205 -30.11 -5.32 -1.16
CA THR A 205 -29.92 -6.56 -0.40
C THR A 205 -30.45 -6.33 1.00
N ALA A 206 -31.25 -7.27 1.52
CA ALA A 206 -31.82 -7.09 2.83
C ALA A 206 -30.70 -7.04 3.89
N PRO A 207 -30.96 -6.44 5.04
CA PRO A 207 -29.93 -6.46 6.10
C PRO A 207 -29.73 -7.89 6.59
N GLU A 208 -28.47 -8.26 6.79
CA GLU A 208 -28.15 -9.62 7.20
C GLU A 208 -28.61 -9.87 8.63
N SER A 209 -29.17 -11.05 8.87
CA SER A 209 -29.70 -11.41 10.19
C SER A 209 -29.05 -12.68 10.71
N GLY A 210 -29.80 -13.46 11.49
CA GLY A 210 -29.23 -14.59 12.23
C GLY A 210 -28.34 -14.09 13.35
N TYR A 211 -27.04 -14.36 13.26
CA TYR A 211 -26.14 -13.74 14.21
C TYR A 211 -25.83 -12.30 13.85
N TYR A 212 -25.90 -11.93 12.58
CA TYR A 212 -25.80 -10.53 12.17
C TYR A 212 -27.02 -9.75 12.61
N GLY A 213 -26.85 -8.44 12.74
CA GLY A 213 -28.01 -7.61 12.98
C GLY A 213 -27.72 -6.16 12.67
N THR A 214 -28.59 -5.46 11.97
CA THR A 214 -28.46 -4.03 11.80
C THR A 214 -29.45 -3.36 12.73
N ASN A 215 -28.97 -2.40 13.51
CA ASN A 215 -29.76 -1.73 14.53
C ASN A 215 -30.58 -2.72 15.35
N PRO A 216 -29.92 -3.70 15.98
CA PRO A 216 -30.67 -4.73 16.72
C PRO A 216 -31.57 -4.12 17.78
N GLU A 217 -32.78 -4.68 17.88
CA GLU A 217 -33.77 -4.23 18.85
C GLU A 217 -34.01 -2.73 18.74
N MET A 218 -33.87 -2.21 17.52
CA MET A 218 -34.06 -0.80 17.22
C MET A 218 -33.12 0.07 18.04
N GLN A 219 -31.91 -0.42 18.25
CA GLN A 219 -30.86 0.41 18.83
C GLN A 219 -30.29 1.33 17.77
N LEU A 220 -30.45 2.64 17.96
CA LEU A 220 -29.97 3.65 17.03
C LEU A 220 -28.80 4.46 17.60
N GLY A 221 -28.03 3.88 18.53
CA GLY A 221 -27.05 4.64 19.26
C GLY A 221 -27.71 5.45 20.36
N LYS A 222 -26.88 6.07 21.20
CA LYS A 222 -27.41 6.72 22.39
C LYS A 222 -26.81 8.11 22.56
N HIS A 223 -27.61 8.99 23.14
CA HIS A 223 -27.11 10.33 23.41
C HIS A 223 -26.28 10.31 24.69
N LYS A 224 -25.01 10.70 24.58
CA LYS A 224 -24.08 10.57 25.70
C LYS A 224 -22.72 11.14 25.32
N THR A 225 -22.05 11.80 26.26
CA THR A 225 -20.67 12.22 26.05
C THR A 225 -19.76 11.00 26.24
N ILE A 226 -18.89 10.74 25.27
CA ILE A 226 -17.96 9.62 25.30
C ILE A 226 -16.56 10.16 25.50
N SER A 227 -15.76 9.45 26.28
CA SER A 227 -14.37 9.82 26.50
C SER A 227 -13.50 8.98 25.57
N VAL A 228 -12.94 9.62 24.54
CA VAL A 228 -12.11 8.93 23.58
C VAL A 228 -10.73 8.68 24.19
N ASP A 229 -10.65 7.63 25.01
CA ASP A 229 -9.44 7.08 25.58
C ASP A 229 -9.30 5.69 24.95
N GLY A 230 -8.71 4.75 25.66
CA GLY A 230 -8.90 3.41 25.16
C GLY A 230 -9.81 2.58 26.02
N ASP A 231 -10.49 3.22 26.97
CA ASP A 231 -11.27 2.52 27.98
C ASP A 231 -12.71 2.37 27.49
N LEU A 232 -13.34 1.25 27.84
CA LEU A 232 -14.65 0.92 27.32
C LEU A 232 -15.74 0.96 28.39
N SER A 233 -15.45 1.55 29.55
CA SER A 233 -16.45 1.63 30.60
C SER A 233 -17.59 2.58 30.24
N ASP A 234 -17.40 3.45 29.25
CA ASP A 234 -18.45 4.37 28.83
C ASP A 234 -19.35 3.79 27.73
N TRP A 235 -19.24 2.49 27.41
CA TRP A 235 -20.10 1.85 26.41
C TRP A 235 -20.81 0.64 27.01
N ASP A 236 -21.97 0.32 26.43
CA ASP A 236 -22.61 -0.94 26.79
C ASP A 236 -23.28 -1.53 25.54
N SER A 237 -23.80 -2.75 25.70
CA SER A 237 -24.36 -3.47 24.56
C SER A 237 -25.56 -2.74 23.94
N SER A 238 -26.24 -1.93 24.72
CA SER A 238 -27.43 -1.25 24.20
C SER A 238 -27.09 -0.22 23.15
N MET A 239 -25.82 0.11 22.96
CA MET A 239 -25.45 1.13 21.99
C MET A 239 -24.93 0.53 20.68
N ILE A 240 -25.00 -0.79 20.53
CA ILE A 240 -24.52 -1.40 19.29
C ILE A 240 -25.49 -1.07 18.16
N ILE A 241 -24.97 -0.46 17.08
CA ILE A 241 -25.82 -0.17 15.93
C ILE A 241 -25.64 -1.16 14.79
N ALA A 242 -24.61 -1.99 14.83
CA ALA A 242 -24.36 -2.98 13.78
C ALA A 242 -23.59 -4.12 14.41
N GLN A 243 -24.20 -5.29 14.43
CA GLN A 243 -23.62 -6.48 15.02
C GLN A 243 -23.17 -7.40 13.89
N GLY A 244 -21.87 -7.70 13.85
CA GLY A 244 -21.33 -8.68 12.96
C GLY A 244 -21.05 -9.98 13.69
N VAL A 245 -20.22 -10.82 13.07
CA VAL A 245 -19.81 -12.10 13.63
C VAL A 245 -18.30 -12.24 13.50
N ALA A 246 -17.71 -13.08 14.34
CA ALA A 246 -16.29 -13.39 14.23
C ALA A 246 -16.03 -14.47 13.19
N ASN A 247 -14.78 -14.52 12.76
CA ASN A 247 -14.26 -15.60 11.94
C ASN A 247 -15.04 -15.76 10.66
N ASP A 248 -15.50 -14.63 10.13
CA ASP A 248 -16.13 -14.59 8.81
C ASP A 248 -15.34 -13.70 7.86
N ASP A 249 -14.07 -13.41 8.17
CA ASP A 249 -13.29 -12.60 7.25
C ASP A 249 -12.82 -13.47 6.07
N PRO A 250 -12.51 -12.85 4.93
CA PRO A 250 -12.32 -13.64 3.69
C PRO A 250 -11.34 -14.79 3.82
N ARG A 251 -10.27 -14.63 4.60
CA ARG A 251 -9.21 -15.65 4.64
C ARG A 251 -9.75 -17.02 5.02
N VAL A 252 -10.80 -17.08 5.83
CA VAL A 252 -11.27 -18.37 6.30
C VAL A 252 -11.84 -19.22 5.18
N TYR A 253 -12.13 -18.63 4.01
CA TYR A 253 -12.68 -19.43 2.92
C TYR A 253 -11.60 -19.97 1.99
N MET A 254 -10.34 -19.63 2.23
CA MET A 254 -9.26 -20.26 1.48
C MET A 254 -8.94 -21.63 2.09
N PRO A 255 -8.36 -22.52 1.29
CA PRO A 255 -7.98 -23.84 1.83
C PRO A 255 -7.01 -23.75 3.02
N SER A 256 -6.11 -22.78 3.05
CA SER A 256 -5.14 -22.71 4.12
C SER A 256 -4.59 -21.30 4.22
N SER A 257 -5.42 -20.36 4.68
CA SER A 257 -5.03 -18.97 4.75
C SER A 257 -5.10 -18.41 6.18
N MET A 258 -5.23 -19.27 7.18
CA MET A 258 -5.27 -18.85 8.58
C MET A 258 -3.93 -18.32 9.08
N HIS A 259 -2.88 -18.38 8.27
CA HIS A 259 -1.64 -17.72 8.65
C HIS A 259 -1.68 -16.22 8.41
N GLU A 260 -2.66 -15.74 7.63
CA GLU A 260 -2.73 -14.32 7.30
C GLU A 260 -3.36 -13.52 8.44
N GLN A 261 -2.90 -12.28 8.57
CA GLN A 261 -3.48 -11.37 9.53
C GLN A 261 -5.01 -11.31 9.36
N PRO A 262 -5.76 -11.43 10.44
CA PRO A 262 -7.21 -11.28 10.35
C PRO A 262 -7.61 -9.83 10.17
N TRP A 263 -8.76 -9.66 9.55
CA TRP A 263 -9.46 -8.38 9.48
C TRP A 263 -10.92 -8.65 9.83
N ASP A 264 -11.19 -8.85 11.11
CA ASP A 264 -12.44 -9.45 11.57
C ASP A 264 -13.21 -8.46 12.42
N ALA A 265 -14.18 -7.79 11.80
CA ALA A 265 -14.98 -6.78 12.51
C ALA A 265 -16.04 -7.47 13.34
N TYR A 266 -16.14 -7.14 14.62
CA TYR A 266 -17.16 -7.82 15.41
C TYR A 266 -18.38 -6.97 15.71
N ALA A 267 -18.25 -5.69 16.02
CA ALA A 267 -19.43 -4.92 16.40
C ALA A 267 -19.12 -3.44 16.32
N LEU A 268 -20.15 -2.66 15.99
CA LEU A 268 -20.06 -1.21 15.87
C LEU A 268 -21.06 -0.57 16.83
N TYR A 269 -20.56 0.32 17.70
CA TYR A 269 -21.35 1.07 18.66
C TYR A 269 -21.30 2.55 18.29
N SER A 270 -22.37 3.29 18.63
CA SER A 270 -22.37 4.71 18.32
C SER A 270 -23.04 5.50 19.44
N ALA A 271 -22.58 6.74 19.59
CA ALA A 271 -23.24 7.70 20.46
C ALA A 271 -22.96 9.10 19.90
N TRP A 272 -23.62 10.10 20.48
CA TRP A 272 -23.42 11.49 20.09
C TRP A 272 -23.75 12.39 21.27
N ASP A 273 -23.02 13.51 21.38
CA ASP A 273 -23.46 14.62 22.21
C ASP A 273 -23.69 15.85 21.35
N ASP A 274 -23.39 17.04 21.87
CA ASP A 274 -23.58 18.27 21.10
C ASP A 274 -22.34 18.68 20.35
N ASP A 275 -21.23 17.98 20.55
CA ASP A 275 -19.95 18.26 19.91
C ASP A 275 -19.49 17.18 18.93
N ASN A 276 -19.74 15.91 19.25
CA ASN A 276 -19.14 14.82 18.49
C ASN A 276 -20.15 13.73 18.19
N LEU A 277 -19.90 13.06 17.06
CA LEU A 277 -20.41 11.72 16.79
C LEU A 277 -19.32 10.75 17.24
N TYR A 278 -19.70 9.69 17.94
CA TYR A 278 -18.76 8.75 18.54
C TYR A 278 -18.96 7.33 18.02
N PHE A 279 -17.88 6.58 18.00
CA PHE A 279 -17.95 5.19 17.59
C PHE A 279 -17.00 4.38 18.45
N LEU A 280 -17.45 3.17 18.76
CA LEU A 280 -16.60 2.09 19.22
C LEU A 280 -16.66 0.99 18.17
N LEU A 281 -15.51 0.40 17.85
CA LEU A 281 -15.43 -0.68 16.89
C LEU A 281 -14.70 -1.85 17.53
N GLU A 282 -15.33 -3.02 17.50
CA GLU A 282 -14.73 -4.25 18.03
C GLU A 282 -14.22 -5.08 16.87
N MET A 283 -12.98 -5.54 16.98
CA MET A 283 -12.44 -6.52 16.06
C MET A 283 -11.99 -7.75 16.83
N ALA A 284 -12.31 -8.92 16.29
CA ALA A 284 -11.96 -10.18 16.93
C ALA A 284 -10.72 -10.79 16.30
N ASN A 285 -10.03 -11.62 17.09
CA ASN A 285 -8.96 -12.45 16.54
C ASN A 285 -9.09 -13.84 17.16
N THR A 286 -9.82 -14.72 16.48
CA THR A 286 -10.03 -16.07 16.96
C THR A 286 -8.96 -17.04 16.47
N THR A 287 -7.86 -16.56 15.88
CA THR A 287 -6.82 -17.51 15.45
C THR A 287 -6.25 -18.29 16.63
N TYR A 288 -6.20 -17.67 17.81
CA TYR A 288 -5.70 -18.35 18.99
C TYR A 288 -6.39 -19.69 19.20
N ILE A 289 -7.67 -19.76 18.84
CA ILE A 289 -8.47 -20.95 19.06
C ILE A 289 -8.56 -21.82 17.82
N THR A 290 -8.71 -21.20 16.65
CA THR A 290 -8.92 -21.97 15.42
C THR A 290 -7.63 -22.60 14.90
N SER A 291 -6.48 -21.91 15.03
CA SER A 291 -5.25 -22.35 14.37
C SER A 291 -4.04 -21.79 15.10
N PRO A 292 -3.84 -22.19 16.37
CA PRO A 292 -2.70 -21.67 17.13
C PRO A 292 -1.36 -22.06 16.56
N GLU A 293 -1.31 -23.08 15.69
CA GLU A 293 -0.04 -23.42 15.05
C GLU A 293 0.49 -22.27 14.19
N ASP A 294 -0.40 -21.42 13.65
CA ASP A 294 0.01 -20.24 12.89
C ASP A 294 0.43 -19.16 13.87
N ASN A 295 1.73 -19.07 14.15
CA ASN A 295 2.17 -18.28 15.29
C ASN A 295 1.88 -16.80 15.08
N PHE A 296 2.25 -16.26 13.94
CA PHE A 296 2.03 -14.84 13.71
C PHE A 296 0.57 -14.48 13.90
N ALA A 297 -0.34 -15.14 13.17
CA ALA A 297 -1.75 -14.77 13.23
C ALA A 297 -2.32 -14.95 14.63
N ALA A 298 -1.99 -16.04 15.31
CA ALA A 298 -2.46 -16.24 16.67
C ALA A 298 -1.46 -15.63 17.66
N SER A 299 -1.35 -14.31 17.57
CA SER A 299 -0.44 -13.54 18.43
C SER A 299 -0.78 -12.07 18.27
N ASN A 300 -0.18 -11.24 19.12
CA ASN A 300 -0.34 -9.79 19.02
C ASN A 300 0.45 -9.19 17.88
N GLU A 301 1.22 -9.99 17.16
CA GLU A 301 1.82 -9.54 15.91
C GLU A 301 0.76 -9.21 14.86
N ALA A 302 -0.43 -9.79 14.97
CA ALA A 302 -1.53 -9.52 14.04
C ALA A 302 -2.41 -8.31 14.43
N ARG A 303 -2.00 -7.52 15.41
CA ARG A 303 -2.79 -6.35 15.79
C ARG A 303 -2.93 -5.41 14.58
N PRO A 304 -4.08 -4.76 14.41
CA PRO A 304 -4.31 -4.00 13.17
C PRO A 304 -3.40 -2.79 13.00
N TRP A 305 -2.91 -2.20 14.08
CA TRP A 305 -2.02 -1.05 13.97
C TRP A 305 -0.56 -1.44 13.79
N ARG A 306 -0.28 -2.73 13.55
CA ARG A 306 1.09 -3.13 13.21
C ARG A 306 1.60 -2.35 12.00
N ASN A 307 0.73 -2.07 11.02
CA ASN A 307 1.04 -1.26 9.85
C ASN A 307 -0.09 -0.25 9.66
N SER A 308 0.09 0.63 8.68
CA SER A 308 -0.92 1.61 8.33
C SER A 308 -1.79 1.03 7.22
N ILE A 309 -3.02 0.66 7.56
CA ILE A 309 -3.97 0.09 6.62
C ILE A 309 -5.20 1.01 6.59
N PRO A 310 -5.73 1.34 5.42
CA PRO A 310 -6.90 2.23 5.37
C PRO A 310 -8.11 1.59 6.06
N MET A 311 -8.85 2.41 6.82
CA MET A 311 -10.21 2.11 7.31
C MET A 311 -11.17 3.23 6.91
N TYR A 312 -12.47 2.91 6.86
CA TYR A 312 -13.45 3.90 6.43
C TYR A 312 -14.73 3.81 7.25
N LEU A 313 -15.22 4.97 7.64
CA LEU A 313 -16.59 5.09 8.12
C LEU A 313 -17.33 5.78 6.99
N ALA A 314 -18.31 5.11 6.42
CA ALA A 314 -19.10 5.68 5.35
C ALA A 314 -20.42 6.16 5.96
N LEU A 315 -20.76 7.42 5.75
CA LEU A 315 -21.96 7.99 6.35
C LEU A 315 -22.89 8.50 5.27
N SER A 316 -24.18 8.52 5.61
CA SER A 316 -25.21 9.18 4.79
C SER A 316 -25.79 10.33 5.60
N ILE A 317 -25.44 11.57 5.22
CA ILE A 317 -25.88 12.76 5.95
C ILE A 317 -27.11 13.31 5.25
N ASP A 318 -26.98 13.68 3.98
CA ASP A 318 -28.14 13.99 3.15
C ASP A 318 -28.63 12.69 2.53
N PRO A 319 -29.80 12.19 2.92
CA PRO A 319 -30.19 10.83 2.53
C PRO A 319 -30.49 10.68 1.05
N ALA A 320 -30.80 11.77 0.35
CA ALA A 320 -31.14 11.69 -1.06
C ALA A 320 -29.94 11.43 -1.97
N LYS A 321 -28.74 11.77 -1.50
CA LYS A 321 -27.56 11.70 -2.34
C LYS A 321 -27.04 10.28 -2.45
N GLN A 322 -26.63 9.90 -3.66
CA GLN A 322 -26.06 8.59 -3.89
C GLN A 322 -24.66 8.79 -4.47
N ALA A 323 -23.65 8.46 -3.67
CA ALA A 323 -22.25 8.56 -4.06
C ALA A 323 -21.75 7.14 -4.30
N THR A 324 -21.22 6.88 -5.49
CA THR A 324 -20.77 5.55 -5.87
C THR A 324 -19.39 5.19 -5.34
N GLY A 325 -18.63 6.15 -4.79
CA GLY A 325 -17.26 5.95 -4.40
C GLY A 325 -16.26 6.67 -5.28
N LYS A 326 -16.69 7.06 -6.48
CA LYS A 326 -15.87 7.82 -7.40
C LYS A 326 -15.46 9.16 -6.78
N ALA A 327 -14.24 9.60 -7.11
CA ALA A 327 -13.64 10.80 -6.53
C ALA A 327 -13.25 11.78 -7.64
N VAL A 328 -13.33 13.08 -7.33
CA VAL A 328 -13.05 14.14 -8.30
C VAL A 328 -12.18 15.21 -7.65
N GLY A 329 -11.33 15.85 -8.47
CA GLY A 329 -10.41 16.89 -8.03
C GLY A 329 -10.00 17.79 -9.19
N THR A 330 -9.25 18.85 -8.86
CA THR A 330 -8.77 19.80 -9.87
C THR A 330 -7.28 20.03 -9.73
N ASN A 331 -6.57 20.05 -10.87
CA ASN A 331 -5.13 20.25 -10.88
C ASN A 331 -4.81 21.74 -10.62
N LYS A 332 -3.52 22.06 -10.61
CA LYS A 332 -3.13 23.46 -10.46
C LYS A 332 -3.60 24.31 -11.64
N ASP A 333 -3.66 23.71 -12.83
CA ASP A 333 -4.12 24.41 -14.04
C ASP A 333 -5.63 24.43 -14.17
N GLY A 334 -6.38 23.94 -13.18
CA GLY A 334 -7.82 23.99 -13.20
C GLY A 334 -8.51 22.78 -13.82
N SER A 335 -7.80 21.93 -14.56
CA SER A 335 -8.44 20.79 -15.21
C SER A 335 -8.96 19.78 -14.18
N VAL A 336 -10.11 19.18 -14.48
CA VAL A 336 -10.77 18.25 -13.58
C VAL A 336 -10.27 16.83 -13.85
N TYR A 337 -9.99 16.09 -12.79
CA TYR A 337 -9.64 14.67 -12.86
C TYR A 337 -10.54 13.87 -11.92
N THR A 338 -10.62 12.56 -12.19
CA THR A 338 -11.38 11.63 -11.37
C THR A 338 -10.55 10.36 -11.11
N ASN A 339 -10.77 9.77 -9.93
CA ASN A 339 -10.31 8.44 -9.54
C ASN A 339 -11.53 7.56 -9.19
N PRO A 340 -11.42 6.23 -9.31
CA PRO A 340 -12.58 5.37 -8.97
C PRO A 340 -12.87 5.26 -7.48
N PHE A 341 -11.88 5.47 -6.61
CA PHE A 341 -12.06 5.52 -5.17
C PHE A 341 -11.20 6.63 -4.60
N VAL A 342 -11.57 7.14 -3.42
CA VAL A 342 -10.81 8.25 -2.84
C VAL A 342 -9.34 7.86 -2.67
N TRP A 343 -9.10 6.64 -2.21
CA TRP A 343 -7.79 6.02 -2.15
C TRP A 343 -7.83 4.70 -2.93
N GLY A 344 -6.71 4.34 -3.53
CA GLY A 344 -6.58 3.09 -4.26
C GLY A 344 -5.12 2.70 -4.37
N CYS A 345 -4.61 2.60 -5.60
CA CYS A 345 -3.17 2.50 -5.81
C CYS A 345 -2.57 3.83 -5.38
N THR A 346 -2.29 3.95 -4.09
CA THR A 346 -1.88 5.22 -3.50
C THR A 346 -0.66 5.02 -2.63
N ASN A 347 0.44 5.71 -2.98
CA ASN A 347 1.72 5.68 -2.25
C ASN A 347 2.21 4.24 -2.22
N GLY A 348 2.40 3.62 -1.06
CA GLY A 348 2.96 2.28 -1.05
C GLY A 348 2.06 1.24 -1.74
N THR A 349 0.75 1.35 -1.54
CA THR A 349 -0.20 0.35 -2.03
C THR A 349 -0.21 0.30 -3.55
N ALA A 350 0.36 -0.77 -4.10
CA ALA A 350 0.36 -1.01 -5.55
C ALA A 350 -0.70 -2.04 -5.95
N LYS A 351 -1.72 -2.22 -5.13
CA LYS A 351 -2.68 -3.30 -5.27
C LYS A 351 -3.99 -2.78 -5.84
N ASP A 352 -4.69 -3.62 -6.61
CA ASP A 352 -6.03 -3.29 -7.10
C ASP A 352 -7.04 -3.37 -5.96
N GLY A 353 -8.25 -2.88 -6.22
CA GLY A 353 -9.37 -3.11 -5.34
C GLY A 353 -9.98 -1.82 -4.80
N GLY A 354 -11.16 -1.98 -4.24
CA GLY A 354 -11.89 -0.85 -3.68
C GLY A 354 -13.29 -1.26 -3.35
N THR A 355 -13.99 -0.37 -2.66
CA THR A 355 -15.39 -0.59 -2.29
C THR A 355 -16.24 0.55 -2.84
N GLY A 356 -17.25 0.19 -3.65
CA GLY A 356 -18.22 1.14 -4.15
C GLY A 356 -19.54 1.00 -3.42
N PHE A 357 -20.48 1.87 -3.79
CA PHE A 357 -21.72 1.99 -3.00
C PHE A 357 -22.94 2.11 -3.91
N THR A 358 -23.90 1.21 -3.70
CA THR A 358 -25.23 1.42 -4.23
C THR A 358 -26.16 2.04 -3.20
N THR A 359 -26.25 1.44 -2.00
CA THR A 359 -26.86 2.13 -0.87
C THR A 359 -26.34 3.56 -0.76
N HIS A 360 -27.22 4.51 -0.42
CA HIS A 360 -26.88 5.93 -0.43
C HIS A 360 -25.89 6.25 0.68
N ILE A 361 -24.77 6.88 0.31
CA ILE A 361 -23.83 7.53 1.21
C ILE A 361 -23.41 8.84 0.55
N ASP A 362 -22.89 9.76 1.37
CA ASP A 362 -22.43 11.04 0.85
C ASP A 362 -21.19 11.57 1.55
N THR A 363 -20.64 10.86 2.54
CA THR A 363 -19.49 11.28 3.33
C THR A 363 -18.61 10.08 3.62
N LEU A 364 -17.29 10.25 3.52
CA LEU A 364 -16.35 9.15 3.72
C LEU A 364 -15.25 9.62 4.69
N VAL A 365 -15.33 9.19 5.95
CA VAL A 365 -14.26 9.39 6.91
C VAL A 365 -13.18 8.37 6.58
N ALA A 366 -12.07 8.82 6.00
CA ALA A 366 -10.99 7.97 5.50
C ALA A 366 -9.78 8.08 6.43
N PHE A 367 -9.58 7.06 7.28
CA PHE A 367 -8.48 7.10 8.23
C PHE A 367 -7.58 5.88 8.02
N ASP A 368 -6.73 5.58 8.99
CA ASP A 368 -5.82 4.45 8.85
C ASP A 368 -5.61 3.77 10.20
N SER A 369 -5.14 2.51 10.14
CA SER A 369 -5.26 1.58 11.24
C SER A 369 -4.27 1.82 12.40
N ASN A 370 -3.18 2.54 12.18
CA ASN A 370 -2.31 2.92 13.28
C ASN A 370 -2.26 4.42 13.47
N ASN A 371 -3.08 5.16 12.72
CA ASN A 371 -3.18 6.60 12.81
C ASN A 371 -1.83 7.27 12.54
N SER A 372 -1.23 6.91 11.41
CA SER A 372 0.06 7.44 10.97
C SER A 372 0.00 8.05 9.58
N ASN A 373 -1.14 7.97 8.90
CA ASN A 373 -1.27 8.57 7.57
C ASN A 373 -1.66 10.04 7.73
N GLY A 374 -0.73 10.94 7.39
CA GLY A 374 -0.95 12.36 7.53
C GLY A 374 -2.04 12.92 6.64
N GLY A 375 -2.37 12.22 5.55
CA GLY A 375 -3.43 12.56 4.63
C GLY A 375 -4.84 12.19 5.04
N ALA A 376 -5.06 11.59 6.20
CA ALA A 376 -6.42 11.22 6.62
C ALA A 376 -7.36 12.40 6.42
N SER A 377 -8.56 12.09 5.93
CA SER A 377 -9.46 13.15 5.48
C SER A 377 -10.90 12.73 5.69
N ILE A 378 -11.76 13.73 5.71
CA ILE A 378 -13.21 13.54 5.64
C ILE A 378 -13.64 14.09 4.29
N PHE A 379 -14.06 13.19 3.39
CA PHE A 379 -14.49 13.56 2.05
C PHE A 379 -15.99 13.79 2.01
N LYS A 380 -16.40 14.77 1.21
CA LYS A 380 -17.81 15.02 0.92
C LYS A 380 -18.08 14.79 -0.56
N ALA A 381 -19.10 13.99 -0.86
CA ALA A 381 -19.69 13.91 -2.21
C ALA A 381 -20.56 15.14 -2.45
N ASP A 382 -19.90 16.25 -2.79
CA ASP A 382 -20.58 17.53 -2.97
C ASP A 382 -20.62 17.97 -4.43
N THR A 383 -20.18 17.12 -5.36
CA THR A 383 -20.16 17.45 -6.78
C THR A 383 -20.93 16.38 -7.55
N GLN A 384 -21.99 16.80 -8.24
CA GLN A 384 -22.86 15.87 -8.93
C GLN A 384 -22.24 15.49 -10.27
N ASP A 385 -22.36 14.22 -10.61
CA ASP A 385 -21.90 13.71 -11.89
C ASP A 385 -23.04 13.80 -12.91
N THR A 386 -22.69 13.59 -14.19
CA THR A 386 -23.69 13.73 -15.25
C THR A 386 -24.89 12.80 -15.02
N ASP A 387 -24.66 11.61 -14.43
CA ASP A 387 -25.71 10.63 -14.17
C ASP A 387 -26.50 10.90 -12.87
N GLY A 388 -26.34 12.07 -12.25
CA GLY A 388 -27.05 12.41 -11.02
C GLY A 388 -26.43 11.86 -9.74
N THR A 389 -25.46 10.97 -9.87
CA THR A 389 -24.65 10.50 -8.77
C THR A 389 -23.72 11.62 -8.30
N TYR A 390 -23.25 11.51 -7.05
CA TYR A 390 -22.34 12.49 -6.48
C TYR A 390 -20.95 11.90 -6.32
N MET A 391 -19.94 12.78 -6.41
CA MET A 391 -18.53 12.41 -6.37
C MET A 391 -17.84 13.06 -5.18
N PHE A 392 -16.94 12.30 -4.53
CA PHE A 392 -16.17 12.81 -3.41
C PHE A 392 -15.12 13.80 -3.92
N ASN A 393 -15.02 14.95 -3.27
CA ASN A 393 -14.25 16.07 -3.79
C ASN A 393 -12.92 16.20 -3.06
N TYR A 394 -11.81 16.04 -3.79
CA TYR A 394 -10.50 16.25 -3.19
C TYR A 394 -10.34 17.69 -2.71
N ASP A 395 -10.93 18.63 -3.44
CA ASP A 395 -10.73 20.04 -3.16
C ASP A 395 -11.39 20.48 -1.85
N THR A 396 -12.45 19.80 -1.40
CA THR A 396 -13.15 20.24 -0.20
C THR A 396 -12.92 19.31 0.99
N ARG A 397 -12.03 18.33 0.86
CA ARG A 397 -11.87 17.35 1.91
C ARG A 397 -11.37 18.02 3.18
N ILE A 398 -11.93 17.65 4.32
CA ILE A 398 -11.51 18.19 5.61
C ILE A 398 -10.38 17.31 6.14
N PRO A 399 -9.19 17.86 6.40
CA PRO A 399 -8.08 17.02 6.87
C PRO A 399 -8.20 16.70 8.34
N ILE A 400 -8.02 15.42 8.67
CA ILE A 400 -8.06 14.96 10.06
C ILE A 400 -6.80 14.22 10.46
N GLY A 401 -5.80 14.13 9.59
CA GLY A 401 -4.61 13.38 9.89
C GLY A 401 -3.73 14.01 10.96
N VAL A 402 -2.74 13.23 11.41
CA VAL A 402 -1.78 13.75 12.38
C VAL A 402 -0.71 14.56 11.67
N THR A 403 -0.10 15.49 12.40
CA THR A 403 1.11 16.14 11.93
C THR A 403 2.30 15.19 12.02
N SER A 404 2.39 14.42 13.11
CA SER A 404 3.42 13.40 13.26
C SER A 404 2.88 12.19 14.03
N PHE A 405 3.37 11.00 13.67
CA PHE A 405 2.84 9.75 14.24
C PHE A 405 2.99 9.73 15.75
N GLN A 406 4.13 10.21 16.27
CA GLN A 406 4.37 10.14 17.70
C GLN A 406 3.48 11.10 18.48
N ALA A 407 3.09 12.22 17.87
CA ALA A 407 2.28 13.19 18.58
C ALA A 407 0.82 12.77 18.66
N GLN A 408 0.33 12.02 17.68
CA GLN A 408 -1.09 11.62 17.63
C GLN A 408 -2.00 12.84 17.73
N ASP A 409 -1.64 13.90 16.99
CA ASP A 409 -2.32 15.19 17.04
C ASP A 409 -3.13 15.35 15.75
N ASN A 410 -4.32 14.79 15.73
CA ASN A 410 -5.14 14.87 14.53
C ASN A 410 -5.80 16.24 14.44
N LYS A 411 -6.04 16.67 13.22
CA LYS A 411 -6.56 18.00 12.95
C LYS A 411 -8.07 18.03 13.02
N ASN A 412 -8.59 19.25 13.19
CA ASN A 412 -10.00 19.56 13.09
C ASN A 412 -10.86 18.77 14.08
N GLY A 413 -10.27 18.30 15.18
CA GLY A 413 -11.06 17.71 16.24
C GLY A 413 -11.24 16.21 16.16
N PHE A 414 -10.64 15.55 15.18
CA PHE A 414 -10.79 14.10 15.04
C PHE A 414 -10.02 13.38 16.14
N LYS A 415 -10.69 12.50 16.88
CA LYS A 415 -10.03 11.75 17.93
C LYS A 415 -10.06 10.27 17.61
N ILE A 416 -8.95 9.59 17.82
CA ILE A 416 -8.89 8.15 17.58
C ILE A 416 -7.88 7.54 18.54
N LYS A 417 -8.31 6.47 19.21
CA LYS A 417 -7.45 5.69 20.08
C LYS A 417 -7.73 4.22 19.83
N TYR A 418 -6.69 3.41 19.74
CA TYR A 418 -6.82 1.98 19.54
C TYR A 418 -6.08 1.24 20.64
N ALA A 419 -6.45 -0.01 20.85
CA ALA A 419 -5.94 -0.79 21.97
C ALA A 419 -6.49 -2.20 21.85
N ASN A 420 -5.81 -3.13 22.51
CA ASN A 420 -6.41 -4.44 22.75
C ASN A 420 -7.57 -4.30 23.72
N GLY A 421 -8.49 -5.24 23.65
CA GLY A 421 -9.66 -5.24 24.51
C GLY A 421 -10.86 -5.86 23.83
N THR A 422 -11.91 -6.03 24.63
CA THR A 422 -13.16 -6.60 24.15
C THR A 422 -14.26 -6.08 25.04
N LYS A 423 -15.26 -5.44 24.44
CA LYS A 423 -16.46 -4.98 25.14
C LYS A 423 -17.54 -6.07 25.22
N SER A 424 -17.81 -6.78 24.12
CA SER A 424 -18.77 -7.86 24.15
C SER A 424 -18.35 -8.93 25.15
N THR A 425 -19.35 -9.55 25.79
CA THR A 425 -19.14 -10.73 26.63
C THR A 425 -19.42 -12.05 25.90
N SER A 426 -19.75 -12.02 24.61
CA SER A 426 -19.84 -13.21 23.77
C SER A 426 -19.26 -12.90 22.40
N ILE A 427 -18.57 -13.87 21.79
CA ILE A 427 -17.95 -13.69 20.46
C ILE A 427 -18.44 -14.83 19.57
N PHE A 428 -19.62 -14.64 18.96
CA PHE A 428 -20.19 -15.70 18.14
C PHE A 428 -19.51 -15.75 16.78
N GLY A 429 -19.30 -16.97 16.32
CA GLY A 429 -18.75 -17.20 15.00
C GLY A 429 -18.65 -18.70 14.78
N ILE A 430 -18.51 -19.06 13.52
CA ILE A 430 -18.39 -20.46 13.12
C ILE A 430 -16.99 -20.96 13.46
N ASN A 431 -16.91 -22.14 14.08
CA ASN A 431 -15.64 -22.78 14.40
C ASN A 431 -15.49 -24.13 13.71
N ALA A 432 -15.57 -24.14 12.41
CA ALA A 432 -15.36 -25.37 11.67
C ALA A 432 -13.88 -25.56 11.37
N PRO A 433 -13.46 -26.79 11.13
CA PRO A 433 -12.05 -27.04 10.80
C PRO A 433 -11.59 -26.16 9.65
N LYS A 434 -10.30 -25.83 9.67
CA LYS A 434 -9.70 -25.05 8.59
C LYS A 434 -9.96 -25.69 7.22
N GLY A 435 -10.23 -24.86 6.22
CA GLY A 435 -10.41 -25.34 4.87
C GLY A 435 -11.80 -25.88 4.54
N SER A 436 -12.61 -26.19 5.57
CA SER A 436 -13.95 -26.75 5.36
C SER A 436 -15.03 -25.70 5.14
N ARG A 437 -14.73 -24.41 5.31
CA ARG A 437 -15.75 -23.38 5.20
C ARG A 437 -16.38 -23.36 3.82
N VAL A 438 -17.67 -23.07 3.76
CA VAL A 438 -18.42 -23.07 2.51
C VAL A 438 -19.14 -21.75 2.32
N MET A 439 -19.22 -21.33 1.07
CA MET A 439 -19.91 -20.09 0.74
C MET A 439 -21.34 -20.08 1.31
N GLY A 440 -21.69 -18.98 2.00
CA GLY A 440 -23.01 -18.79 2.59
C GLY A 440 -23.18 -19.32 4.00
N ASP A 441 -22.18 -20.01 4.56
CA ASP A 441 -22.42 -20.70 5.82
C ASP A 441 -22.62 -19.73 6.98
N ASN A 442 -22.28 -18.44 6.81
CA ASN A 442 -22.55 -17.45 7.85
C ASN A 442 -24.01 -17.09 7.96
N LEU A 443 -24.83 -17.48 6.99
CA LEU A 443 -26.25 -17.25 7.05
C LEU A 443 -27.04 -18.49 7.44
N ASP A 444 -26.35 -19.62 7.71
CA ASP A 444 -26.98 -20.90 8.02
C ASP A 444 -26.90 -21.14 9.53
N MET A 445 -28.05 -21.11 10.21
CA MET A 445 -28.10 -21.32 11.65
C MET A 445 -27.61 -22.71 12.06
N ASN A 446 -27.51 -23.66 11.14
CA ASN A 446 -27.04 -25.00 11.44
C ASN A 446 -25.56 -25.20 11.13
N SER A 447 -24.84 -24.12 10.80
CA SER A 447 -23.39 -24.18 10.82
C SER A 447 -22.90 -24.39 12.25
N ASN A 448 -21.60 -24.64 12.38
CA ASN A 448 -21.02 -24.99 13.69
C ASN A 448 -20.70 -23.71 14.44
N TRP A 449 -21.75 -23.06 14.93
CA TRP A 449 -21.60 -21.81 15.65
C TRP A 449 -21.15 -22.08 17.09
N VAL A 450 -20.23 -21.26 17.59
CA VAL A 450 -19.82 -21.32 18.99
C VAL A 450 -19.66 -19.92 19.55
N ASP A 451 -19.84 -19.80 20.87
CA ASP A 451 -19.42 -18.61 21.59
C ASP A 451 -17.96 -18.81 21.97
N PHE A 452 -17.06 -18.09 21.31
CA PHE A 452 -15.63 -18.35 21.48
C PHE A 452 -15.17 -18.16 22.92
N PHE A 453 -15.93 -17.42 23.73
CA PHE A 453 -15.55 -17.32 25.14
C PHE A 453 -15.66 -18.66 25.85
N ASP A 454 -16.38 -19.62 25.28
CA ASP A 454 -16.46 -20.98 25.79
C ASP A 454 -15.38 -21.87 25.21
N GLU A 455 -14.57 -21.36 24.27
CA GLU A 455 -13.46 -22.09 23.67
C GLU A 455 -12.13 -21.41 23.98
N GLY A 456 -12.09 -20.60 25.03
CA GLY A 456 -10.83 -20.07 25.50
C GLY A 456 -10.54 -18.63 25.15
N TYR A 457 -11.46 -17.94 24.48
CA TYR A 457 -11.21 -16.56 24.09
C TYR A 457 -10.98 -15.69 25.31
N LYS A 458 -10.14 -14.66 25.15
CA LYS A 458 -9.82 -13.72 26.21
C LYS A 458 -9.94 -12.29 25.73
N ASN A 459 -10.27 -11.38 26.66
CA ASN A 459 -10.49 -9.98 26.29
C ASN A 459 -9.29 -9.41 25.53
N SER A 460 -8.05 -9.74 25.95
CA SER A 460 -6.86 -9.20 25.28
C SER A 460 -6.61 -9.77 23.88
N TYR A 461 -7.35 -10.79 23.45
CA TYR A 461 -7.16 -11.30 22.08
C TYR A 461 -7.65 -10.27 21.05
N GLY A 462 -8.79 -9.60 21.32
CA GLY A 462 -9.40 -8.71 20.36
C GLY A 462 -8.79 -7.31 20.36
N TYR A 463 -9.35 -6.45 19.50
CA TYR A 463 -8.90 -5.08 19.30
C TYR A 463 -10.09 -4.14 19.25
N VAL A 464 -9.87 -2.90 19.68
CA VAL A 464 -10.94 -1.89 19.71
C VAL A 464 -10.39 -0.56 19.23
N TYR A 465 -11.27 0.20 18.57
CA TYR A 465 -11.01 1.59 18.19
C TYR A 465 -12.14 2.46 18.74
N GLU A 466 -11.77 3.57 19.38
CA GLU A 466 -12.68 4.58 19.90
C GLU A 466 -12.45 5.87 19.13
N ILE A 467 -13.52 6.43 18.55
CA ILE A 467 -13.40 7.50 17.57
C ILE A 467 -14.39 8.63 17.86
N ALA A 468 -13.93 9.87 17.72
CA ALA A 468 -14.82 11.03 17.78
C ALA A 468 -14.69 11.80 16.48
N VAL A 469 -15.84 12.08 15.86
CA VAL A 469 -15.90 12.90 14.66
C VAL A 469 -16.71 14.13 15.01
N PRO A 470 -16.13 15.33 14.92
CA PRO A 470 -16.87 16.56 15.29
C PRO A 470 -18.06 16.79 14.37
N LEU A 471 -19.22 17.04 14.99
CA LEU A 471 -20.41 17.30 14.21
C LEU A 471 -20.19 18.45 13.23
N ASN A 472 -19.43 19.47 13.63
CA ASN A 472 -19.23 20.56 12.68
C ASN A 472 -18.40 20.12 11.47
N THR A 473 -17.76 18.96 11.49
CA THR A 473 -17.10 18.46 10.28
C THR A 473 -18.06 17.70 9.37
N LEU A 474 -19.28 17.46 9.82
CA LEU A 474 -20.27 16.78 9.03
C LEU A 474 -21.45 17.67 8.66
N GLY A 475 -21.43 18.93 9.06
CA GLY A 475 -22.52 19.83 8.70
C GLY A 475 -23.82 19.60 9.43
N ILE A 476 -23.80 18.94 10.59
CA ILE A 476 -25.00 18.60 11.34
C ILE A 476 -24.83 19.06 12.79
N ASP A 477 -25.88 18.86 13.57
CA ASP A 477 -25.88 19.13 15.00
C ASP A 477 -26.66 18.02 15.68
N ARG A 478 -26.67 18.03 17.02
CA ARG A 478 -27.37 17.00 17.76
C ARG A 478 -28.84 16.93 17.35
N SER A 479 -29.47 18.08 17.17
CA SER A 479 -30.89 18.07 16.86
C SER A 479 -31.16 17.39 15.52
N TYR A 480 -30.24 17.54 14.55
CA TYR A 480 -30.37 16.84 13.27
C TYR A 480 -30.25 15.33 13.44
N ILE A 481 -29.32 14.89 14.27
CA ILE A 481 -29.17 13.46 14.53
C ILE A 481 -30.44 12.89 15.12
N GLU A 482 -31.03 13.60 16.09
CA GLU A 482 -32.10 13.00 16.86
C GLU A 482 -33.45 13.09 16.15
N THR A 483 -33.63 14.00 15.19
CA THR A 483 -34.93 14.12 14.55
C THR A 483 -34.92 13.56 13.12
N GLN A 484 -33.86 13.84 12.35
CA GLN A 484 -33.64 13.34 11.01
C GLN A 484 -32.83 12.05 10.97
N GLY A 485 -31.77 11.94 11.78
CA GLY A 485 -30.92 10.77 11.77
C GLY A 485 -29.96 10.74 10.60
N ILE A 486 -28.98 9.83 10.69
CA ILE A 486 -28.00 9.59 9.63
C ILE A 486 -27.75 8.09 9.55
N GLY A 487 -27.06 7.67 8.47
CA GLY A 487 -26.58 6.30 8.33
C GLY A 487 -25.06 6.19 8.43
N ALA A 488 -24.59 5.04 8.95
CA ALA A 488 -23.17 4.76 9.06
C ALA A 488 -22.86 3.31 8.65
N MET A 489 -21.67 3.12 8.10
CA MET A 489 -21.09 1.78 7.95
C MET A 489 -19.57 1.84 8.14
N GLN A 490 -19.03 0.94 8.96
CA GLN A 490 -17.58 0.72 9.06
C GLN A 490 -17.13 -0.25 7.99
N ILE A 491 -16.09 0.13 7.24
CA ILE A 491 -15.43 -0.79 6.31
C ILE A 491 -14.02 -1.08 6.79
N LEU A 492 -13.58 -2.32 6.62
CA LEU A 492 -12.20 -2.72 6.88
C LEU A 492 -11.57 -3.18 5.57
N THR A 493 -10.29 -2.89 5.40
CA THR A 493 -9.56 -3.29 4.21
C THR A 493 -8.29 -4.02 4.62
N TYR A 494 -7.63 -4.61 3.63
CA TYR A 494 -6.25 -5.05 3.78
C TYR A 494 -5.37 -4.29 2.81
N GLY A 495 -5.56 -2.97 2.75
CA GLY A 495 -4.82 -2.17 1.80
C GLY A 495 -5.70 -1.41 0.82
N THR A 496 -6.62 -2.11 0.13
CA THR A 496 -7.48 -1.45 -0.85
C THR A 496 -8.93 -1.92 -0.78
N SER A 497 -9.20 -3.10 -1.34
CA SER A 497 -10.52 -3.70 -1.32
C SER A 497 -11.03 -3.90 0.12
N GLY A 498 -12.35 -3.87 0.28
CA GLY A 498 -12.92 -4.23 1.56
C GLY A 498 -12.70 -5.69 1.90
N MET A 499 -12.81 -6.00 3.20
CA MET A 499 -12.76 -7.36 3.72
C MET A 499 -13.94 -7.67 4.62
N ASP A 500 -14.40 -6.71 5.40
CA ASP A 500 -15.44 -6.92 6.38
C ASP A 500 -16.14 -5.58 6.57
N THR A 501 -17.45 -5.61 6.79
CA THR A 501 -18.21 -4.39 7.05
C THR A 501 -19.19 -4.61 8.20
N LEU A 502 -19.52 -3.51 8.86
CA LEU A 502 -20.60 -3.44 9.85
C LEU A 502 -21.51 -2.28 9.50
N PRO A 503 -22.79 -2.51 9.15
CA PRO A 503 -23.48 -3.80 8.97
C PRO A 503 -22.74 -4.68 7.97
N HIS A 504 -22.80 -6.00 8.09
CA HIS A 504 -22.09 -6.87 7.15
C HIS A 504 -22.74 -6.80 5.76
N ASP A 505 -21.89 -6.74 4.71
CA ASP A 505 -22.39 -6.79 3.32
C ASP A 505 -21.90 -8.03 2.58
N PRO A 506 -22.77 -8.74 1.82
CA PRO A 506 -22.32 -9.97 1.15
C PRO A 506 -21.23 -9.75 0.14
N SER A 507 -21.04 -8.54 -0.37
CA SER A 507 -19.96 -8.37 -1.34
C SER A 507 -18.59 -8.50 -0.68
N MET A 508 -18.55 -8.65 0.65
CA MET A 508 -17.29 -8.90 1.34
C MET A 508 -16.81 -10.33 1.14
N LEU A 509 -17.70 -11.23 0.70
CA LEU A 509 -17.41 -12.65 0.62
C LEU A 509 -17.85 -13.26 -0.70
N ASP A 510 -18.34 -12.45 -1.65
CA ASP A 510 -18.80 -12.98 -2.92
C ASP A 510 -17.67 -13.60 -3.73
N GLN A 511 -16.41 -13.29 -3.40
CA GLN A 511 -15.27 -13.91 -4.06
C GLN A 511 -14.24 -14.43 -3.05
N ALA A 512 -14.66 -14.72 -1.81
CA ALA A 512 -13.71 -15.01 -0.74
C ALA A 512 -12.82 -16.21 -1.02
N ASN A 513 -13.34 -17.23 -1.73
CA ASN A 513 -12.59 -18.44 -2.06
C ASN A 513 -11.75 -18.34 -3.34
N LEU A 514 -11.77 -17.20 -4.02
CA LEU A 514 -10.92 -17.08 -5.20
C LEU A 514 -9.51 -16.70 -4.79
N GLU A 515 -8.57 -16.89 -5.73
CA GLU A 515 -7.15 -16.82 -5.43
C GLU A 515 -6.61 -15.40 -5.60
N TYR A 516 -5.94 -14.90 -4.55
CA TYR A 516 -5.20 -13.66 -4.64
C TYR A 516 -4.15 -13.73 -5.75
N SER A 517 -4.08 -12.67 -6.56
CA SER A 517 -3.23 -12.66 -7.74
C SER A 517 -1.75 -12.83 -7.40
N TYR A 518 -1.28 -12.24 -6.29
CA TYR A 518 0.14 -12.34 -5.93
C TYR A 518 0.49 -13.57 -5.10
N ASP A 519 -0.50 -14.29 -4.57
CA ASP A 519 -0.26 -15.42 -3.66
C ASP A 519 -1.51 -16.27 -3.59
N PRO A 520 -1.60 -17.31 -4.43
CA PRO A 520 -2.84 -18.08 -4.53
C PRO A 520 -3.28 -18.75 -3.24
N SER A 521 -2.46 -18.73 -2.19
CA SER A 521 -2.89 -19.26 -0.91
C SER A 521 -3.83 -18.32 -0.16
N THR A 522 -3.88 -17.05 -0.55
CA THR A 522 -4.67 -16.03 0.13
C THR A 522 -5.81 -15.54 -0.77
N SER A 523 -6.74 -14.80 -0.17
CA SER A 523 -8.02 -14.56 -0.81
C SER A 523 -7.98 -13.38 -1.79
N HIS A 524 -8.72 -13.53 -2.87
CA HIS A 524 -8.89 -12.46 -3.85
C HIS A 524 -9.60 -11.24 -3.25
N GLU A 525 -10.40 -11.39 -2.17
CA GLU A 525 -11.14 -10.27 -1.63
C GLU A 525 -10.25 -9.09 -1.24
N LYS A 526 -8.93 -9.28 -1.13
CA LYS A 526 -8.03 -8.17 -0.85
C LYS A 526 -7.93 -7.18 -2.02
N GLU A 527 -8.27 -7.62 -3.24
CA GLU A 527 -7.96 -6.85 -4.43
C GLU A 527 -9.16 -6.66 -5.35
N ASP A 528 -10.32 -7.22 -5.04
CA ASP A 528 -11.47 -7.10 -5.94
C ASP A 528 -12.25 -5.82 -5.64
N ILE A 529 -13.36 -5.65 -6.37
CA ILE A 529 -14.20 -4.46 -6.28
C ILE A 529 -15.48 -4.86 -5.57
N ASP A 530 -15.71 -4.26 -4.41
CA ASP A 530 -16.91 -4.51 -3.62
C ASP A 530 -17.94 -3.45 -3.93
N ASN A 531 -19.19 -3.76 -3.64
CA ASN A 531 -20.29 -2.83 -3.94
C ASN A 531 -21.33 -3.00 -2.86
N ILE A 532 -21.55 -1.96 -2.05
CA ILE A 532 -22.42 -2.09 -0.88
C ILE A 532 -23.88 -1.98 -1.28
N THR A 533 -24.69 -2.96 -0.89
CA THR A 533 -26.10 -2.96 -1.24
C THR A 533 -27.02 -3.23 -0.08
N VAL A 534 -26.48 -3.44 1.12
CA VAL A 534 -27.30 -3.60 2.31
C VAL A 534 -27.58 -2.19 2.87
N PRO A 535 -28.57 -2.04 3.74
CA PRO A 535 -28.75 -0.77 4.45
C PRO A 535 -27.62 -0.43 5.40
N LEU A 536 -27.30 0.86 5.48
CA LEU A 536 -26.45 1.37 6.54
C LEU A 536 -27.15 1.19 7.89
N ALA A 537 -26.36 1.28 8.96
CA ALA A 537 -26.92 1.34 10.31
C ALA A 537 -27.38 2.76 10.61
N ARG A 538 -28.58 2.89 11.14
CA ARG A 538 -29.10 4.22 11.41
C ARG A 538 -28.59 4.73 12.75
N ILE A 539 -28.38 6.04 12.82
CA ILE A 539 -28.03 6.71 14.06
C ILE A 539 -29.03 7.83 14.33
N GLY A 540 -29.57 7.85 15.55
CA GLY A 540 -30.48 8.89 15.99
C GLY A 540 -31.94 8.70 15.63
N ALA A 541 -32.23 8.50 14.34
CA ALA A 541 -33.62 8.26 13.93
C ALA A 541 -33.65 7.47 12.63
N LEU A 542 -34.82 6.89 12.37
CA LEU A 542 -35.07 6.04 11.22
C LEU A 542 -35.40 6.88 9.97
N LEU A 543 -35.06 6.33 8.80
CA LEU A 543 -35.46 6.96 7.54
C LEU A 543 -36.99 7.05 7.50
N PRO A 544 -37.52 8.10 6.89
CA PRO A 544 -38.98 8.33 6.98
C PRO A 544 -39.83 7.20 6.42
N ASP A 545 -39.47 6.62 5.28
CA ASP A 545 -40.26 5.55 4.69
C ASP A 545 -39.89 4.17 5.21
N THR A 546 -39.49 4.05 6.48
CA THR A 546 -39.07 2.76 6.99
C THR A 546 -40.27 1.85 7.23
N GLU A 547 -40.21 0.64 6.68
CA GLU A 547 -41.16 -0.42 7.01
C GLU A 547 -40.53 -1.32 8.06
N VAL A 548 -41.17 -1.41 9.23
CA VAL A 548 -40.67 -2.15 10.38
C VAL A 548 -41.40 -3.48 10.48
N ASN A 549 -40.65 -4.59 10.39
CA ASN A 549 -41.19 -5.93 10.52
C ASN A 549 -41.06 -6.37 11.98
N GLU A 550 -42.17 -6.34 12.70
CA GLU A 550 -42.16 -6.65 14.12
C GLU A 550 -42.14 -8.17 14.31
N ALA A 551 -41.10 -8.67 14.95
CA ALA A 551 -41.08 -10.06 15.33
C ALA A 551 -42.20 -10.33 16.33
N PRO A 552 -42.91 -11.44 16.19
CA PRO A 552 -44.00 -11.74 17.13
C PRO A 552 -43.49 -12.34 18.43
N PHE A 553 -44.34 -12.25 19.45
CA PHE A 553 -44.09 -12.98 20.69
C PHE A 553 -44.13 -14.48 20.39
N GLU A 554 -43.08 -15.19 20.79
CA GLU A 554 -42.94 -16.62 20.53
C GLU A 554 -42.24 -17.31 21.69
N VAL A 555 -42.28 -18.64 21.69
CA VAL A 555 -41.75 -19.46 22.77
C VAL A 555 -40.85 -20.54 22.19
N ASN A 556 -39.81 -20.91 22.94
CA ASN A 556 -38.96 -22.07 22.65
C ASN A 556 -39.14 -23.06 23.80
N PHE A 557 -39.77 -24.18 23.52
CA PHE A 557 -40.24 -25.11 24.52
C PHE A 557 -39.75 -26.52 24.23
N GLY A 558 -39.55 -27.29 25.29
CA GLY A 558 -39.34 -28.70 25.14
C GLY A 558 -38.79 -29.33 26.41
N ALA A 559 -38.53 -30.63 26.30
CA ALA A 559 -37.92 -31.42 27.35
C ALA A 559 -36.41 -31.23 27.35
N ASN A 560 -35.81 -31.49 28.53
CA ASN A 560 -34.38 -31.47 28.75
C ASN A 560 -33.71 -32.79 28.36
N LEU A 561 -34.48 -33.85 28.14
CA LEU A 561 -33.98 -35.14 27.70
C LEU A 561 -34.69 -35.52 26.41
N ASN A 562 -33.96 -36.19 25.52
CA ASN A 562 -34.53 -36.65 24.26
C ASN A 562 -35.66 -37.64 24.48
N SER A 563 -36.63 -37.60 23.58
CA SER A 563 -37.68 -38.60 23.57
C SER A 563 -37.07 -40.00 23.56
N GLY A 564 -37.69 -40.91 24.29
CA GLY A 564 -37.18 -42.26 24.41
C GLY A 564 -36.65 -42.62 25.77
N GLN A 565 -37.02 -41.88 26.81
CA GLN A 565 -36.59 -42.19 28.17
C GLN A 565 -37.41 -43.35 28.73
N SER A 566 -36.99 -43.83 29.89
CA SER A 566 -37.63 -44.94 30.58
C SER A 566 -38.78 -44.44 31.47
N ALA A 567 -39.72 -45.34 31.75
CA ALA A 567 -40.77 -45.01 32.69
C ALA A 567 -40.17 -44.64 34.05
N GLY A 568 -40.82 -43.71 34.73
CA GLY A 568 -40.34 -43.22 36.01
C GLY A 568 -39.17 -42.25 35.96
N THR A 569 -38.59 -42.03 34.78
CA THR A 569 -37.55 -41.02 34.64
C THR A 569 -38.16 -39.62 34.74
N PRO A 570 -37.67 -38.76 35.63
CA PRO A 570 -38.17 -37.38 35.65
C PRO A 570 -37.70 -36.63 34.40
N ILE A 571 -38.67 -36.03 33.71
CA ILE A 571 -38.46 -35.27 32.48
C ILE A 571 -38.74 -33.80 32.79
N THR A 572 -37.73 -32.95 32.65
CA THR A 572 -37.89 -31.52 32.87
C THR A 572 -38.39 -30.83 31.61
N LEU A 573 -39.58 -30.23 31.69
CA LEU A 573 -40.11 -29.42 30.60
C LEU A 573 -39.73 -27.97 30.81
N LEU A 574 -39.17 -27.35 29.77
CA LEU A 574 -38.63 -25.99 29.84
C LEU A 574 -39.29 -25.08 28.82
N ALA A 575 -39.39 -23.79 29.17
CA ALA A 575 -39.93 -22.81 28.24
C ALA A 575 -39.21 -21.47 28.37
N GLU A 576 -38.91 -20.84 27.23
CA GLU A 576 -38.40 -19.49 27.21
C GLU A 576 -39.13 -18.69 26.14
N SER A 577 -39.22 -17.39 26.35
CA SER A 577 -40.04 -16.57 25.48
C SER A 577 -39.21 -15.44 24.89
N TYR A 578 -39.73 -14.87 23.81
CA TYR A 578 -39.05 -13.83 23.05
C TYR A 578 -40.06 -12.78 22.61
N HIS A 579 -39.64 -11.52 22.68
CA HIS A 579 -40.44 -10.41 22.20
C HIS A 579 -41.73 -10.26 23.00
N ALA A 580 -41.75 -10.70 24.24
CA ALA A 580 -42.94 -10.60 25.07
C ALA A 580 -42.99 -9.23 25.75
N THR A 581 -44.21 -8.81 26.09
CA THR A 581 -44.45 -7.57 26.81
C THR A 581 -44.80 -7.90 28.26
N GLY A 582 -43.88 -7.58 29.18
CA GLY A 582 -44.17 -7.75 30.60
C GLY A 582 -44.13 -9.21 31.03
N ASP A 583 -44.94 -9.51 32.04
CA ASP A 583 -44.98 -10.85 32.64
C ASP A 583 -45.50 -11.88 31.63
N VAL A 584 -44.80 -13.00 31.51
CA VAL A 584 -45.24 -14.14 30.71
C VAL A 584 -45.74 -15.21 31.66
N THR A 585 -46.91 -15.77 31.35
CA THR A 585 -47.49 -16.87 32.12
C THR A 585 -47.44 -18.14 31.27
N TYR A 586 -46.69 -19.12 31.73
CA TYR A 586 -46.62 -20.40 31.03
C TYR A 586 -47.63 -21.39 31.63
N SER A 587 -48.15 -22.28 30.79
CA SER A 587 -49.08 -23.32 31.24
C SER A 587 -48.75 -24.65 30.55
N PHE A 588 -48.09 -25.54 31.27
CA PHE A 588 -47.63 -26.81 30.72
C PHE A 588 -48.74 -27.85 30.70
N THR A 589 -48.72 -28.72 29.69
CA THR A 589 -49.71 -29.78 29.61
C THR A 589 -49.06 -31.05 29.07
N VAL A 590 -49.61 -32.19 29.49
CA VAL A 590 -49.25 -33.49 28.92
C VAL A 590 -50.55 -34.18 28.51
N ASN A 591 -50.69 -34.45 27.21
CA ASN A 591 -51.96 -34.96 26.69
C ASN A 591 -53.11 -34.01 27.00
N GLY A 592 -52.81 -32.72 27.07
CA GLY A 592 -53.81 -31.73 27.39
C GLY A 592 -54.09 -31.55 28.86
N GLU A 593 -53.42 -32.30 29.73
CA GLU A 593 -53.66 -32.21 31.17
C GLU A 593 -52.56 -31.38 31.81
N THR A 594 -52.95 -30.27 32.43
CA THR A 594 -51.98 -29.37 33.03
C THR A 594 -51.15 -30.07 34.09
N VAL A 595 -49.89 -29.70 34.17
CA VAL A 595 -48.94 -30.32 35.10
C VAL A 595 -48.64 -29.40 36.29
N THR A 600 -41.73 -21.79 37.79
CA THR A 600 -42.89 -21.26 37.06
C THR A 600 -42.60 -21.25 35.53
N ASP A 601 -41.31 -21.12 35.16
CA ASP A 601 -40.87 -21.19 33.77
C ASP A 601 -40.50 -22.60 33.33
N SER A 602 -40.63 -23.57 34.23
CA SER A 602 -40.29 -24.96 33.95
C SER A 602 -41.17 -25.84 34.80
N CYS A 603 -41.06 -27.13 34.60
CA CYS A 603 -41.84 -28.03 35.43
C CYS A 603 -41.36 -29.45 35.16
N VAL A 604 -41.55 -30.33 36.14
CA VAL A 604 -41.01 -31.68 36.09
C VAL A 604 -42.15 -32.66 35.89
N TRP A 605 -41.99 -33.58 34.94
CA TRP A 605 -43.02 -34.53 34.57
C TRP A 605 -42.40 -35.91 34.58
N THR A 606 -42.94 -36.81 35.40
CA THR A 606 -42.51 -38.20 35.49
C THR A 606 -43.58 -39.10 34.89
N PRO A 607 -43.39 -39.59 33.67
CA PRO A 607 -44.39 -40.52 33.11
C PRO A 607 -44.27 -41.89 33.75
N SER A 608 -45.42 -42.47 34.08
CA SER A 608 -45.44 -43.78 34.73
C SER A 608 -45.58 -44.92 33.72
N ALA A 609 -46.46 -44.79 32.74
CA ALA A 609 -46.69 -45.86 31.79
C ALA A 609 -45.96 -45.59 30.47
N ASP A 610 -45.77 -46.66 29.69
CA ASP A 610 -45.18 -46.50 28.36
C ASP A 610 -46.16 -45.78 27.43
N GLY A 611 -45.68 -45.39 26.26
CA GLY A 611 -46.53 -44.83 25.23
C GLY A 611 -45.97 -43.54 24.66
N THR A 612 -46.75 -42.97 23.73
CA THR A 612 -46.39 -41.74 23.02
C THR A 612 -47.25 -40.60 23.56
N TYR A 613 -46.61 -39.58 24.12
CA TYR A 613 -47.28 -38.48 24.80
C TYR A 613 -47.14 -37.18 24.00
N SER A 614 -48.04 -36.25 24.27
CA SER A 614 -47.99 -34.93 23.67
C SER A 614 -47.71 -33.92 24.78
N ILE A 615 -46.55 -33.32 24.74
CA ILE A 615 -46.18 -32.32 25.74
C ILE A 615 -46.36 -30.95 25.12
N GLY A 616 -46.80 -29.98 25.91
CA GLY A 616 -46.97 -28.66 25.35
C GLY A 616 -46.98 -27.57 26.40
N VAL A 617 -46.96 -26.35 25.91
CA VAL A 617 -47.08 -25.18 26.76
C VAL A 617 -47.84 -24.11 25.99
N VAL A 618 -48.65 -23.36 26.72
CA VAL A 618 -49.25 -22.14 26.22
C VAL A 618 -48.67 -21.00 27.04
N ALA A 619 -48.24 -19.94 26.36
CA ALA A 619 -47.62 -18.81 27.04
C ALA A 619 -48.44 -17.58 26.70
N VAL A 620 -48.76 -16.78 27.73
CA VAL A 620 -49.48 -15.53 27.53
C VAL A 620 -48.73 -14.41 28.26
N ASP A 621 -48.49 -13.30 27.55
CA ASP A 621 -47.80 -12.16 28.12
C ASP A 621 -48.82 -11.11 28.60
N ALA A 622 -48.34 -9.93 29.03
CA ALA A 622 -49.19 -8.94 29.68
C ALA A 622 -50.16 -8.23 28.74
N ASN A 623 -50.00 -8.37 27.42
CA ASN A 623 -50.92 -7.76 26.47
C ASN A 623 -51.83 -8.80 25.81
N GLY A 624 -51.93 -10.00 26.40
CA GLY A 624 -52.72 -11.07 25.84
C GLY A 624 -52.12 -11.75 24.63
N ASN A 625 -50.88 -11.44 24.27
CA ASN A 625 -50.24 -12.13 23.17
C ASN A 625 -49.98 -13.56 23.58
N LYS A 626 -50.25 -14.48 22.68
CA LYS A 626 -50.22 -15.91 23.01
C LYS A 626 -49.27 -16.64 22.07
N ALA A 627 -48.55 -17.62 22.61
CA ALA A 627 -47.70 -18.47 21.79
C ALA A 627 -47.77 -19.88 22.36
N GLU A 628 -47.79 -20.88 21.49
CA GLU A 628 -47.95 -22.26 21.93
C GLU A 628 -47.00 -23.16 21.17
N SER A 629 -46.61 -24.23 21.83
CA SER A 629 -45.74 -25.22 21.24
C SER A 629 -46.22 -26.57 21.68
N THR A 630 -46.16 -27.56 20.78
CA THR A 630 -46.62 -28.89 21.10
C THR A 630 -45.66 -29.88 20.44
N LYS A 631 -45.23 -30.91 21.18
CA LYS A 631 -44.20 -31.80 20.68
C LYS A 631 -44.50 -33.23 21.11
N THR A 632 -43.77 -34.17 20.53
CA THR A 632 -43.95 -35.59 20.80
C THR A 632 -42.84 -36.10 21.71
N PHE A 633 -43.24 -36.82 22.77
CA PHE A 633 -42.30 -37.47 23.67
C PHE A 633 -42.75 -38.91 23.86
N VAL A 634 -41.82 -39.85 23.72
CA VAL A 634 -42.12 -41.27 23.68
C VAL A 634 -41.37 -41.97 24.80
N VAL A 635 -42.06 -42.87 25.50
CA VAL A 635 -41.45 -43.72 26.50
C VAL A 635 -42.08 -45.10 26.39
N SER B 4 17.46 49.00 11.08
CA SER B 4 16.76 47.81 11.58
C SER B 4 15.97 47.03 10.51
N GLY B 5 16.08 45.71 10.53
CA GLY B 5 15.30 44.88 9.64
C GLY B 5 15.90 44.80 8.24
N SER B 6 15.02 44.52 7.28
CA SER B 6 15.37 44.17 5.92
C SER B 6 14.37 44.81 4.96
N GLU B 7 14.71 44.78 3.67
CA GLU B 7 13.93 45.46 2.65
C GLU B 7 13.85 44.60 1.40
N ALA B 8 12.67 44.58 0.76
CA ALA B 8 12.45 43.85 -0.47
C ALA B 8 11.91 44.78 -1.55
N TYR B 9 12.55 44.78 -2.71
CA TYR B 9 12.15 45.60 -3.82
C TYR B 9 11.78 44.72 -5.01
N PHE B 10 10.78 45.18 -5.76
CA PHE B 10 10.18 44.39 -6.84
C PHE B 10 10.00 45.27 -8.08
N ASP B 11 10.48 44.80 -9.23
CA ASP B 11 10.26 45.43 -10.52
C ASP B 11 9.01 44.85 -11.19
N ASN B 12 8.05 45.71 -11.52
CA ASN B 12 6.76 45.33 -12.09
C ASN B 12 6.67 45.58 -13.59
N SER B 13 7.75 46.06 -14.22
CA SER B 13 7.64 46.60 -15.57
C SER B 13 7.23 45.56 -16.60
N LYS B 14 7.27 44.28 -16.25
CA LYS B 14 6.89 43.22 -17.18
C LYS B 14 5.70 42.42 -16.69
N TYR B 15 5.64 42.14 -15.39
CA TYR B 15 4.43 41.54 -14.86
C TYR B 15 3.24 42.48 -15.02
N GLY B 16 3.47 43.78 -14.89
CA GLY B 16 2.35 44.72 -14.89
C GLY B 16 1.18 44.30 -14.02
N TRP B 17 1.44 43.90 -12.78
CA TRP B 17 0.35 43.59 -11.88
C TRP B 17 -0.36 44.88 -11.46
N LYS B 18 -1.69 44.78 -11.30
CA LYS B 18 -2.48 45.91 -10.82
C LYS B 18 -2.21 46.18 -9.34
N ASP B 19 -2.07 45.13 -8.55
CA ASP B 19 -1.64 45.26 -7.18
C ASP B 19 -0.49 44.29 -6.93
N VAL B 20 0.56 44.77 -6.28
CA VAL B 20 1.74 43.97 -5.99
C VAL B 20 1.73 43.62 -4.51
N TYR B 21 1.69 42.31 -4.23
CA TYR B 21 1.72 41.74 -2.89
C TYR B 21 3.08 41.08 -2.62
N VAL B 22 3.43 41.00 -1.33
CA VAL B 22 4.66 40.33 -0.92
C VAL B 22 4.35 39.43 0.27
N TYR B 23 4.71 38.16 0.16
CA TYR B 23 4.49 37.20 1.23
C TYR B 23 5.84 36.82 1.84
N ALA B 24 5.94 36.91 3.16
CA ALA B 24 7.19 36.58 3.86
C ALA B 24 6.91 35.54 4.91
N TYR B 25 7.76 34.51 4.96
CA TYR B 25 7.62 33.44 5.94
C TYR B 25 8.99 33.01 6.44
N GLY B 26 8.98 32.42 7.62
CA GLY B 26 10.23 31.98 8.19
C GLY B 26 10.29 32.28 9.66
N THR B 27 11.22 33.12 10.10
CA THR B 27 11.17 33.52 11.49
C THR B 27 9.79 34.05 11.86
N LYS B 28 9.19 34.84 10.96
CA LYS B 28 7.84 35.38 11.16
C LYS B 28 7.14 35.45 9.81
N GLU B 29 5.82 35.56 9.87
CA GLU B 29 4.98 35.65 8.69
C GLU B 29 4.33 37.03 8.65
N ASN B 30 4.68 37.83 7.63
CA ASN B 30 4.25 39.24 7.64
C ASN B 30 2.73 39.34 7.68
N ALA B 31 2.04 38.47 6.96
CA ALA B 31 0.58 38.39 6.98
C ALA B 31 0.18 37.11 6.28
N GLU B 32 -1.08 36.73 6.45
CA GLU B 32 -1.61 35.57 5.75
C GLU B 32 -1.57 35.79 4.24
N TRP B 33 -1.25 34.72 3.50
CA TRP B 33 -1.26 34.82 2.05
C TRP B 33 -2.53 35.55 1.59
N PRO B 34 -2.44 36.42 0.59
CA PRO B 34 -1.28 36.74 -0.26
C PRO B 34 -0.21 37.59 0.41
N GLY B 35 -0.32 37.89 1.71
CA GLY B 35 0.66 38.75 2.37
C GLY B 35 0.22 40.21 2.41
N GLU B 36 1.12 41.11 2.06
CA GLU B 36 0.90 42.53 2.25
C GLU B 36 1.22 43.30 0.98
N LEU B 37 0.46 44.35 0.77
CA LEU B 37 0.62 45.19 -0.40
C LEU B 37 1.92 45.98 -0.29
N MET B 38 2.77 45.88 -1.33
CA MET B 38 3.96 46.72 -1.38
C MET B 38 3.60 48.16 -1.73
N THR B 39 4.50 49.08 -1.38
CA THR B 39 4.31 50.47 -1.72
C THR B 39 5.03 50.79 -3.03
N LYS B 40 4.42 51.68 -3.81
CA LYS B 40 5.03 52.20 -5.01
C LYS B 40 6.06 53.27 -4.64
N GLU B 41 7.31 53.07 -5.05
CA GLU B 41 8.37 54.03 -4.81
C GLU B 41 8.50 54.98 -5.99
N ASP B 42 9.04 56.17 -5.72
CA ASP B 42 9.14 57.14 -6.81
C ASP B 42 10.18 56.71 -7.84
N SER B 43 10.92 55.64 -7.58
CA SER B 43 11.83 55.11 -8.58
C SER B 43 11.14 54.20 -9.58
N GLY B 44 9.86 53.90 -9.36
CA GLY B 44 9.11 52.93 -10.14
C GLY B 44 9.02 51.57 -9.50
N LEU B 45 10.00 51.22 -8.68
CA LEU B 45 9.98 49.97 -7.94
C LEU B 45 8.89 49.97 -6.86
N TYR B 46 8.52 48.78 -6.43
CA TYR B 46 7.73 48.56 -5.23
C TYR B 46 8.66 48.18 -4.08
N LYS B 47 8.30 48.60 -2.87
CA LYS B 47 9.11 48.39 -1.69
C LYS B 47 8.27 47.70 -0.61
N ALA B 48 8.95 46.94 0.24
CA ALA B 48 8.40 46.50 1.50
C ALA B 48 9.57 46.34 2.47
N SER B 49 9.29 46.57 3.74
CA SER B 49 10.32 46.52 4.76
C SER B 49 9.83 45.64 5.89
N PHE B 50 10.73 44.86 6.47
CA PHE B 50 10.41 43.99 7.58
C PHE B 50 11.24 44.35 8.81
N ALA B 51 10.59 44.39 9.97
CA ALA B 51 11.24 44.63 11.24
C ALA B 51 12.34 43.59 11.51
N SER B 52 13.24 43.92 12.45
CA SER B 52 14.36 43.03 12.77
C SER B 52 13.89 41.67 13.27
N SER B 53 12.69 41.58 13.83
CA SER B 53 12.21 40.27 14.24
C SER B 53 12.12 39.29 13.06
N PHE B 54 12.01 39.77 11.82
CA PHE B 54 11.96 38.90 10.64
C PHE B 54 13.39 38.47 10.28
N LYS B 55 13.97 37.64 11.15
CA LYS B 55 15.42 37.41 11.08
C LYS B 55 15.80 36.68 9.81
N SER B 56 15.07 35.61 9.48
CA SER B 56 15.40 34.77 8.32
C SER B 56 14.10 34.45 7.60
N GLU B 57 13.96 34.94 6.38
CA GLU B 57 12.71 34.90 5.67
C GLU B 57 12.90 34.40 4.24
N LYS B 58 11.80 33.93 3.66
CA LYS B 58 11.68 33.61 2.25
C LYS B 58 10.57 34.46 1.66
N ILE B 59 10.82 35.04 0.48
CA ILE B 59 9.99 36.11 -0.05
C ILE B 59 9.32 35.65 -1.34
N ILE B 60 8.00 35.78 -1.41
CA ILE B 60 7.26 35.45 -2.61
C ILE B 60 6.43 36.66 -3.00
N PHE B 61 6.65 37.18 -4.20
CA PHE B 61 5.80 38.24 -4.72
C PHE B 61 4.65 37.63 -5.50
N ASN B 62 3.49 38.29 -5.45
CA ASN B 62 2.33 37.82 -6.19
C ASN B 62 1.37 38.98 -6.44
N ASN B 63 0.46 38.77 -7.41
CA ASN B 63 -0.50 39.79 -7.83
C ASN B 63 -1.79 39.78 -6.99
N GLY B 64 -1.85 38.94 -5.96
CA GLY B 64 -2.94 38.96 -5.00
C GLY B 64 -4.20 38.24 -5.42
N LEU B 65 -4.27 37.72 -6.64
CA LEU B 65 -5.45 37.03 -7.12
C LEU B 65 -5.43 35.57 -6.67
N GLU B 66 -6.62 35.00 -6.53
CA GLU B 66 -6.75 33.62 -6.06
C GLU B 66 -6.52 32.63 -7.20
N LYS B 67 -6.33 31.36 -6.80
CA LYS B 67 -6.04 30.31 -7.76
C LYS B 67 -7.19 30.15 -8.75
N GLY B 68 -6.84 29.91 -10.00
CA GLY B 68 -7.82 29.78 -11.06
C GLY B 68 -8.47 31.07 -11.46
N ASN B 69 -8.27 32.15 -10.69
CA ASN B 69 -8.86 33.45 -10.95
C ASN B 69 -7.82 34.47 -11.41
N GLY B 70 -6.72 34.00 -11.99
CA GLY B 70 -5.69 34.88 -12.51
C GLY B 70 -4.46 35.03 -11.65
N LYS B 71 -4.19 34.09 -10.76
CA LYS B 71 -3.07 34.22 -9.84
C LYS B 71 -1.73 34.04 -10.56
N GLU B 72 -0.85 35.03 -10.41
CA GLU B 72 0.56 34.91 -10.77
C GLU B 72 1.43 35.12 -9.53
N GLN B 73 2.63 34.56 -9.55
CA GLN B 73 3.57 34.76 -8.44
C GLN B 73 5.00 34.47 -8.89
N TYR B 74 5.96 34.97 -8.12
CA TYR B 74 7.36 34.64 -8.35
C TYR B 74 8.11 34.66 -7.02
N PRO B 75 8.87 33.60 -6.71
CA PRO B 75 9.06 32.37 -7.48
C PRO B 75 7.77 31.56 -7.49
N GLU B 76 7.73 30.47 -8.27
CA GLU B 76 6.53 29.66 -8.43
C GLU B 76 6.33 28.68 -7.28
N ALA B 77 7.37 28.41 -6.49
CA ALA B 77 7.28 27.49 -5.36
C ALA B 77 7.77 28.18 -4.08
N ALA B 78 9.01 27.93 -3.66
CA ALA B 78 9.56 28.53 -2.45
C ALA B 78 10.08 29.94 -2.70
N GLY B 79 10.02 30.76 -1.63
CA GLY B 79 10.36 32.16 -1.74
C GLY B 79 11.86 32.43 -1.73
N LEU B 80 12.19 33.67 -2.11
CA LEU B 80 13.60 34.08 -2.16
C LEU B 80 14.10 34.44 -0.77
N SER B 81 15.41 34.30 -0.57
CA SER B 81 15.95 34.41 0.77
C SER B 81 16.23 35.86 1.12
N LEU B 82 15.75 36.28 2.28
CA LEU B 82 16.03 37.62 2.79
C LEU B 82 16.22 37.55 4.30
N LYS B 83 17.37 38.02 4.77
CA LYS B 83 17.67 38.05 6.19
C LYS B 83 17.67 39.49 6.71
N ALA B 84 17.38 39.65 7.99
CA ALA B 84 17.45 40.97 8.58
C ALA B 84 18.84 41.53 8.33
N GLY B 85 18.90 42.78 7.87
CA GLY B 85 20.17 43.38 7.51
C GLY B 85 20.51 43.32 6.04
N GLU B 86 19.65 42.76 5.20
CA GLU B 86 19.89 42.75 3.79
C GLU B 86 18.87 43.62 3.08
N CYS B 87 19.25 44.06 1.89
CA CYS B 87 18.38 44.81 1.00
C CYS B 87 18.44 44.11 -0.35
N LYS B 88 17.30 43.60 -0.84
CA LYS B 88 17.31 42.84 -2.08
C LYS B 88 16.25 43.33 -3.05
N MET B 89 16.50 43.09 -4.33
CA MET B 89 15.62 43.49 -5.41
C MET B 89 15.43 42.37 -6.41
N LEU B 90 14.20 42.23 -6.89
CA LEU B 90 13.89 41.36 -8.03
C LEU B 90 13.83 42.24 -9.27
N THR B 91 14.76 42.04 -10.21
CA THR B 91 14.82 42.86 -11.39
C THR B 91 13.75 42.45 -12.38
N ALA B 92 13.56 43.29 -13.40
CA ALA B 92 12.69 42.95 -14.51
C ALA B 92 13.09 41.61 -15.13
N GLU B 93 14.38 41.27 -15.11
CA GLU B 93 14.91 40.02 -15.67
C GLU B 93 14.89 38.86 -14.67
N LYS B 94 14.32 39.08 -13.50
CA LYS B 94 14.06 38.05 -12.51
C LYS B 94 15.34 37.57 -11.81
N GLN B 95 16.34 38.44 -11.75
CA GLN B 95 17.48 38.23 -10.86
C GLN B 95 17.15 38.76 -9.47
N TRP B 96 17.47 37.96 -8.45
CA TRP B 96 17.29 38.33 -7.04
C TRP B 96 18.63 38.84 -6.54
N ILE B 97 18.80 40.15 -6.54
CA ILE B 97 20.12 40.73 -6.38
C ILE B 97 20.19 41.52 -5.07
N ASP B 98 21.41 41.59 -4.54
CA ASP B 98 21.70 42.54 -3.46
C ASP B 98 21.58 43.97 -3.98
N TYR B 99 21.05 44.85 -3.14
CA TYR B 99 20.71 46.21 -3.49
C TYR B 99 21.18 47.16 -2.40
N GLY B 100 22.48 47.09 -2.07
CA GLY B 100 22.98 47.79 -0.91
C GLY B 100 22.42 47.22 0.39
N LYS B 101 22.37 48.08 1.40
CA LYS B 101 21.89 47.71 2.71
C LYS B 101 20.77 48.66 3.12
N PRO B 102 19.97 48.31 4.14
CA PRO B 102 18.89 49.21 4.58
C PRO B 102 19.39 50.42 5.37
N ASP B 103 20.10 51.34 4.73
CA ASP B 103 20.56 52.62 5.28
C ASP B 103 20.51 53.68 4.17
N ASP B 104 21.17 54.82 4.38
CA ASP B 104 21.24 55.91 3.40
C ASP B 104 22.58 56.04 2.72
N HIS B 105 23.49 55.10 2.92
CA HIS B 105 24.72 55.18 2.16
C HIS B 105 24.43 54.88 0.69
N ALA B 106 25.38 55.26 -0.16
CA ALA B 106 25.41 54.75 -1.51
C ALA B 106 26.08 53.38 -1.53
N TYR B 107 25.81 52.60 -2.59
CA TYR B 107 26.32 51.24 -2.75
C TYR B 107 26.50 50.93 -4.22
N GLY B 108 27.62 50.29 -4.57
CA GLY B 108 27.74 49.67 -5.87
C GLY B 108 27.17 48.27 -5.79
N TYR B 109 26.38 47.89 -6.80
CA TYR B 109 25.81 46.55 -6.86
C TYR B 109 25.76 46.09 -8.30
N THR B 110 25.46 44.81 -8.49
CA THR B 110 25.43 44.17 -9.79
C THR B 110 24.03 43.73 -10.13
N LEU B 111 23.75 43.65 -11.44
CA LEU B 111 22.45 43.24 -11.96
C LEU B 111 22.36 41.73 -12.20
N THR B 112 23.43 40.99 -11.94
CA THR B 112 23.41 39.54 -11.85
C THR B 112 23.61 39.13 -10.39
N ALA B 113 22.81 38.17 -9.94
CA ALA B 113 22.86 37.70 -8.55
C ALA B 113 24.26 37.30 -8.14
N ASN B 114 24.67 37.78 -6.97
CA ASN B 114 25.88 37.31 -6.31
C ASN B 114 25.96 35.79 -6.33
N ASN B 115 27.18 35.26 -6.51
CA ASN B 115 27.47 33.82 -6.48
C ASN B 115 26.86 33.09 -7.66
N THR B 116 26.65 33.79 -8.77
CA THR B 116 26.21 33.10 -9.97
C THR B 116 27.36 32.27 -10.54
N ALA B 117 27.02 31.08 -11.02
CA ALA B 117 27.95 30.18 -11.69
C ALA B 117 27.78 30.29 -13.20
N PHE B 118 28.88 30.08 -13.93
CA PHE B 118 28.80 30.23 -15.38
C PHE B 118 29.93 29.47 -16.03
N SER B 119 29.68 29.00 -17.26
CA SER B 119 30.67 28.26 -18.03
C SER B 119 31.13 28.97 -19.28
N THR B 120 30.51 30.09 -19.66
CA THR B 120 31.06 30.89 -20.74
C THR B 120 32.45 31.39 -20.35
N GLU B 121 33.17 31.90 -21.35
CA GLU B 121 34.50 32.46 -21.11
C GLU B 121 34.44 33.63 -20.14
N SER B 122 33.37 34.42 -20.21
CA SER B 122 33.18 35.46 -19.21
C SER B 122 31.69 35.66 -18.98
N LEU B 123 31.41 36.25 -17.83
CA LEU B 123 30.06 36.64 -17.43
C LEU B 123 30.01 38.15 -17.53
N ASP B 124 29.14 38.66 -18.39
CA ASP B 124 29.00 40.10 -18.57
C ASP B 124 28.09 40.62 -17.47
N VAL B 125 28.67 41.24 -16.46
CA VAL B 125 27.95 41.67 -15.28
C VAL B 125 27.77 43.19 -15.35
N LYS B 126 26.52 43.62 -15.43
CA LYS B 126 26.21 45.05 -15.45
C LYS B 126 26.32 45.64 -14.05
N LEU B 127 26.98 46.79 -13.94
CA LEU B 127 27.10 47.47 -12.66
C LEU B 127 26.01 48.51 -12.51
N ALA B 128 25.80 48.91 -11.27
CA ALA B 128 24.75 49.86 -10.96
C ALA B 128 25.09 50.49 -9.62
N LEU B 129 24.60 51.71 -9.42
CA LEU B 129 24.90 52.53 -8.25
C LEU B 129 23.61 52.98 -7.61
N LYS B 130 23.49 52.77 -6.31
CA LYS B 130 22.34 53.21 -5.54
C LYS B 130 22.75 54.44 -4.73
N ASN B 131 22.02 55.53 -4.90
CA ASN B 131 22.32 56.81 -4.24
C ASN B 131 23.72 57.33 -4.60
N ALA B 132 24.19 57.05 -5.82
CA ALA B 132 25.39 57.68 -6.33
C ALA B 132 25.39 57.59 -7.86
N ASP B 133 26.26 58.38 -8.50
CA ASP B 133 26.36 58.38 -9.96
C ASP B 133 27.70 57.90 -10.47
N LYS B 134 28.70 57.77 -9.60
CA LYS B 134 30.01 57.25 -9.96
C LYS B 134 30.45 56.23 -8.93
N GLY B 135 31.38 55.38 -9.34
CA GLY B 135 31.95 54.39 -8.45
C GLY B 135 33.28 53.93 -9.00
N TYR B 136 33.89 53.02 -8.24
CA TYR B 136 35.12 52.33 -8.63
C TYR B 136 34.91 50.85 -8.42
N TYR B 137 35.60 50.05 -9.22
CA TYR B 137 35.55 48.61 -9.06
C TYR B 137 36.96 48.04 -9.08
N SER B 138 37.12 46.90 -8.42
CA SER B 138 38.38 46.18 -8.37
C SER B 138 38.05 44.71 -8.60
N VAL B 139 38.77 44.06 -9.49
CA VAL B 139 38.48 42.67 -9.84
C VAL B 139 39.73 41.83 -9.55
N ASP B 140 39.58 40.83 -8.67
CA ASP B 140 40.67 39.96 -8.27
C ASP B 140 41.87 40.77 -7.77
N GLY B 141 41.60 41.75 -6.91
CA GLY B 141 42.67 42.58 -6.40
C GLY B 141 43.17 43.62 -7.38
N SER B 142 42.33 44.03 -8.33
CA SER B 142 42.74 45.01 -9.30
C SER B 142 42.97 46.35 -8.63
N ALA B 143 43.65 47.23 -9.35
CA ALA B 143 43.67 48.63 -8.95
C ALA B 143 42.28 49.24 -9.12
N LYS B 144 41.90 50.13 -8.21
CA LYS B 144 40.60 50.79 -8.30
C LYS B 144 40.41 51.41 -9.66
N LYS B 145 39.26 51.14 -10.29
CA LYS B 145 38.97 51.66 -11.63
C LYS B 145 37.56 52.22 -11.66
N GLU B 146 37.44 53.43 -12.23
CA GLU B 146 36.18 54.17 -12.23
C GLU B 146 35.13 53.48 -13.12
N PHE B 147 33.87 53.65 -12.74
CA PHE B 147 32.76 53.11 -13.51
C PHE B 147 31.53 53.94 -13.19
N ALA B 148 30.60 53.95 -14.14
CA ALA B 148 29.34 54.68 -14.08
C ALA B 148 28.20 53.69 -14.17
N ASN B 149 26.98 54.17 -13.93
CA ASN B 149 25.82 53.29 -14.03
C ASN B 149 25.71 52.74 -15.44
N GLY B 150 25.52 51.40 -15.55
CA GLY B 150 25.36 50.71 -16.81
C GLY B 150 26.61 50.05 -17.34
N ASP B 151 27.79 50.49 -16.87
CA ASP B 151 29.03 49.88 -17.31
C ASP B 151 29.00 48.38 -17.04
N SER B 152 29.69 47.63 -17.90
CA SER B 152 29.75 46.17 -17.79
C SER B 152 31.20 45.74 -17.57
N VAL B 153 31.39 44.66 -16.80
CA VAL B 153 32.72 44.13 -16.50
C VAL B 153 32.77 42.64 -16.83
N LYS B 154 33.75 42.24 -17.63
CA LYS B 154 33.90 40.85 -18.05
C LYS B 154 34.47 40.02 -16.91
N VAL B 155 33.60 39.39 -16.15
CA VAL B 155 34.00 38.59 -15.01
C VAL B 155 34.41 37.21 -15.50
N GLY B 156 35.64 36.81 -15.17
CA GLY B 156 36.18 35.52 -15.56
C GLY B 156 37.01 35.54 -16.83
N GLU B 157 37.08 36.67 -17.52
CA GLU B 157 37.80 36.72 -18.78
C GLU B 157 39.29 36.52 -18.52
N GLY B 158 39.92 35.69 -19.33
CA GLY B 158 41.31 35.31 -19.12
C GLY B 158 41.54 34.25 -18.05
N LYS B 159 40.51 33.86 -17.29
CA LYS B 159 40.74 32.99 -16.14
C LYS B 159 40.59 31.51 -16.51
N ILE B 160 41.37 30.67 -15.81
CA ILE B 160 41.21 29.25 -15.99
C ILE B 160 39.85 28.82 -15.41
N GLY B 161 39.36 27.69 -15.89
CA GLY B 161 38.07 27.20 -15.45
C GLY B 161 38.14 26.54 -14.09
N ASN B 162 36.97 26.49 -13.44
CA ASN B 162 36.83 26.06 -12.04
C ASN B 162 37.64 26.96 -11.12
N SER B 163 37.37 28.26 -11.22
CA SER B 163 37.96 29.28 -10.36
C SER B 163 36.88 30.28 -9.98
N LYS B 164 37.13 30.98 -8.87
CA LYS B 164 36.25 32.01 -8.40
C LYS B 164 36.86 33.38 -8.70
N VAL B 165 36.02 34.37 -8.87
CA VAL B 165 36.50 35.71 -9.19
C VAL B 165 35.79 36.68 -8.28
N THR B 166 36.53 37.62 -7.73
CA THR B 166 35.99 38.61 -6.81
C THR B 166 35.84 39.95 -7.51
N LEU B 167 34.76 40.67 -7.20
CA LEU B 167 34.49 41.99 -7.76
C LEU B 167 34.05 42.91 -6.62
N THR B 168 34.82 43.95 -6.36
CA THR B 168 34.52 44.86 -5.27
C THR B 168 34.08 46.20 -5.83
N LEU B 169 32.95 46.70 -5.34
CA LEU B 169 32.38 47.97 -5.79
C LEU B 169 32.45 49.00 -4.66
N TYR B 170 33.12 50.12 -4.94
CA TYR B 170 33.19 51.26 -4.04
C TYR B 170 32.29 52.37 -4.55
N ALA B 171 31.63 53.06 -3.63
CA ALA B 171 30.65 54.09 -3.94
C ALA B 171 30.59 55.07 -2.77
N THR B 172 30.58 56.37 -3.07
CA THR B 172 30.44 57.39 -2.02
C THR B 172 29.19 58.21 -2.31
N GLY B 173 28.27 58.27 -1.35
CA GLY B 173 27.00 58.97 -1.51
C GLY B 173 27.03 60.37 -0.93
N ALA B 174 25.83 60.96 -0.81
CA ALA B 174 25.72 62.32 -0.29
C ALA B 174 26.35 62.46 1.11
N ASP B 175 26.26 61.40 1.94
CA ASP B 175 26.76 61.48 3.31
C ASP B 175 28.28 61.37 3.38
N GLY B 176 28.95 61.19 2.25
CA GLY B 176 30.39 61.13 2.20
C GLY B 176 31.00 59.79 2.55
N VAL B 177 30.19 58.83 2.97
CA VAL B 177 30.70 57.54 3.43
C VAL B 177 30.99 56.66 2.23
N GLU B 178 32.25 56.32 2.04
CA GLU B 178 32.61 55.38 0.99
C GLU B 178 32.30 53.97 1.47
N THR B 179 31.34 53.30 0.84
CA THR B 179 31.05 51.91 1.12
C THR B 179 31.78 50.98 0.14
N GLU B 180 31.70 49.70 0.43
CA GLU B 180 32.42 48.70 -0.35
C GLU B 180 31.62 47.41 -0.30
N GLN B 181 31.33 46.83 -1.47
CA GLN B 181 30.55 45.61 -1.59
C GLN B 181 31.28 44.63 -2.48
N THR B 182 31.34 43.36 -2.06
CA THR B 182 32.13 42.35 -2.78
C THR B 182 31.26 41.22 -3.29
N TYR B 183 31.35 40.96 -4.59
CA TYR B 183 30.57 39.95 -5.29
C TYR B 183 31.51 38.87 -5.80
N THR B 184 31.12 37.61 -5.62
CA THR B 184 31.95 36.48 -6.02
C THR B 184 31.18 35.62 -7.00
N PHE B 185 31.81 35.24 -8.11
CA PHE B 185 31.20 34.44 -9.16
C PHE B 185 32.07 33.21 -9.42
N LYS B 186 31.46 32.14 -9.93
CA LYS B 186 32.19 30.88 -10.10
C LYS B 186 32.20 30.50 -11.57
N LYS B 187 33.38 30.60 -12.19
CA LYS B 187 33.60 30.11 -13.55
C LYS B 187 33.84 28.61 -13.51
N THR B 188 32.98 27.83 -14.15
CA THR B 188 33.04 26.38 -14.05
C THR B 188 33.66 25.76 -15.30
N PHE B 189 34.01 24.48 -15.17
CA PHE B 189 34.54 23.71 -16.29
C PHE B 189 34.19 22.24 -16.09
N THR B 190 33.59 21.64 -17.10
CA THR B 190 33.23 20.23 -17.10
C THR B 190 33.66 19.68 -18.46
N ALA B 191 34.68 18.82 -18.47
CA ALA B 191 35.14 18.22 -19.71
C ALA B 191 34.02 17.42 -20.37
N SER B 192 34.14 17.27 -21.69
CA SER B 192 33.21 16.42 -22.42
C SER B 192 33.33 14.96 -21.96
N LYS B 193 32.25 14.21 -22.16
CA LYS B 193 32.19 12.81 -21.75
C LYS B 193 31.88 11.95 -22.97
N THR B 194 32.65 10.88 -23.15
CA THR B 194 32.41 9.97 -24.26
C THR B 194 31.01 9.39 -24.13
N THR B 195 30.26 9.37 -25.24
CA THR B 195 28.98 8.69 -25.27
C THR B 195 28.97 7.67 -26.40
N PHE B 196 28.04 6.72 -26.32
CA PHE B 196 27.85 5.81 -27.43
C PHE B 196 26.41 5.34 -27.50
N SER B 197 26.02 4.84 -28.68
CA SER B 197 24.69 4.25 -28.82
C SER B 197 24.64 3.44 -30.10
N ALA B 198 23.52 2.74 -30.27
CA ALA B 198 23.25 1.93 -31.44
C ALA B 198 21.78 2.10 -31.79
N LYS B 199 21.47 2.26 -33.07
CA LYS B 199 20.08 2.49 -33.40
C LYS B 199 19.25 1.21 -33.32
N SER B 200 19.89 0.04 -33.28
CA SER B 200 19.17 -1.23 -33.28
C SER B 200 18.34 -1.46 -32.02
N ASP B 201 18.72 -0.84 -30.89
CA ASP B 201 17.96 -1.02 -29.66
C ASP B 201 16.68 -0.20 -29.64
N GLY B 202 16.41 0.58 -30.69
CA GLY B 202 15.16 1.32 -30.78
C GLY B 202 15.11 2.60 -29.97
N HIS B 203 16.20 2.95 -29.28
CA HIS B 203 16.17 4.13 -28.44
C HIS B 203 15.99 5.39 -29.29
N THR B 204 15.32 6.40 -28.70
CA THR B 204 15.08 7.67 -29.37
C THR B 204 15.58 8.87 -28.59
N THR B 205 16.15 8.67 -27.40
CA THR B 205 16.80 9.74 -26.66
C THR B 205 18.25 9.36 -26.43
N ALA B 206 19.14 10.34 -26.51
CA ALA B 206 20.53 10.09 -26.26
C ALA B 206 20.76 9.76 -24.79
N PRO B 207 21.74 8.92 -24.48
CA PRO B 207 22.05 8.67 -23.06
C PRO B 207 22.43 9.96 -22.37
N GLU B 208 21.84 10.20 -21.19
CA GLU B 208 22.18 11.39 -20.41
C GLU B 208 23.64 11.34 -19.99
N SER B 209 24.27 12.52 -19.97
CA SER B 209 25.69 12.60 -19.67
C SER B 209 25.94 13.67 -18.62
N GLY B 210 27.11 14.29 -18.63
CA GLY B 210 27.35 15.25 -17.56
C GLY B 210 27.69 14.47 -16.31
N TYR B 211 26.86 14.57 -15.27
CA TYR B 211 27.07 13.77 -14.06
C TYR B 211 26.49 12.36 -14.17
N TYR B 212 25.42 12.19 -14.96
CA TYR B 212 24.94 10.86 -15.35
C TYR B 212 25.92 10.21 -16.31
N GLY B 213 25.85 8.89 -16.41
CA GLY B 213 26.72 8.14 -17.29
C GLY B 213 26.25 6.72 -17.50
N THR B 214 26.05 6.33 -18.76
CA THR B 214 25.74 4.96 -19.12
C THR B 214 27.04 4.29 -19.56
N ASN B 215 27.32 3.09 -19.04
CA ASN B 215 28.56 2.36 -19.30
C ASN B 215 29.75 3.33 -19.29
N PRO B 216 29.95 4.07 -18.21
CA PRO B 216 31.02 5.07 -18.20
C PRO B 216 32.40 4.41 -18.23
N GLU B 217 33.29 4.98 -19.07
CA GLU B 217 34.64 4.46 -19.31
C GLU B 217 34.60 3.08 -19.95
N MET B 218 33.54 2.80 -20.70
CA MET B 218 33.33 1.51 -21.34
C MET B 218 33.16 0.38 -20.31
N GLN B 219 32.85 0.70 -19.07
CA GLN B 219 32.68 -0.33 -18.05
C GLN B 219 31.43 -1.15 -18.36
N LEU B 220 31.63 -2.41 -18.77
CA LEU B 220 30.52 -3.31 -19.08
C LEU B 220 30.32 -4.37 -18.00
N GLY B 221 30.87 -4.15 -16.81
CA GLY B 221 30.81 -5.16 -15.78
C GLY B 221 32.04 -6.03 -15.80
N LYS B 222 32.10 -6.99 -14.87
CA LYS B 222 33.30 -7.80 -14.73
C LYS B 222 32.93 -9.25 -14.48
N HIS B 223 33.77 -10.15 -14.99
CA HIS B 223 33.69 -11.58 -14.65
C HIS B 223 34.18 -11.79 -13.22
N LYS B 224 33.26 -12.04 -12.29
CA LYS B 224 33.63 -12.19 -10.89
C LYS B 224 32.47 -12.86 -10.16
N THR B 225 32.76 -13.69 -9.17
CA THR B 225 31.71 -14.31 -8.36
C THR B 225 31.42 -13.43 -7.13
N ILE B 226 30.22 -12.96 -7.05
CA ILE B 226 29.82 -12.05 -5.97
C ILE B 226 29.21 -12.87 -4.85
N SER B 227 29.45 -12.47 -3.62
CA SER B 227 28.76 -13.07 -2.49
C SER B 227 27.62 -12.14 -2.10
N VAL B 228 26.40 -12.58 -2.42
CA VAL B 228 25.18 -11.83 -2.11
C VAL B 228 24.95 -11.94 -0.60
N ASP B 229 25.42 -10.93 0.14
CA ASP B 229 25.46 -11.02 1.59
C ASP B 229 25.33 -9.69 2.30
N GLY B 230 25.14 -8.58 1.60
CA GLY B 230 25.07 -7.28 2.22
C GLY B 230 26.43 -6.64 2.48
N ASP B 231 27.51 -7.41 2.41
CA ASP B 231 28.87 -6.88 2.43
C ASP B 231 29.29 -6.45 1.01
N LEU B 232 29.95 -5.29 0.93
CA LEU B 232 30.21 -4.64 -0.35
C LEU B 232 31.66 -4.73 -0.83
N SER B 233 32.54 -5.41 -0.07
CA SER B 233 33.95 -5.50 -0.45
C SER B 233 34.18 -6.28 -1.74
N ASP B 234 33.23 -7.12 -2.16
CA ASP B 234 33.41 -7.83 -3.41
C ASP B 234 33.13 -6.95 -4.63
N TRP B 235 32.78 -5.70 -4.40
CA TRP B 235 32.46 -4.74 -5.46
C TRP B 235 33.48 -3.60 -5.45
N ASP B 236 33.59 -2.91 -6.60
CA ASP B 236 34.46 -1.76 -6.70
C ASP B 236 33.97 -0.83 -7.80
N SER B 237 34.51 0.40 -7.82
CA SER B 237 33.94 1.44 -8.66
C SER B 237 34.00 1.13 -10.15
N SER B 238 34.93 0.27 -10.57
CA SER B 238 35.10 -0.01 -11.99
C SER B 238 33.98 -0.87 -12.53
N MET B 239 33.11 -1.41 -11.66
CA MET B 239 32.02 -2.27 -12.09
C MET B 239 30.69 -1.54 -12.25
N ILE B 240 30.65 -0.22 -12.08
CA ILE B 240 29.44 0.57 -12.30
C ILE B 240 29.08 0.54 -13.79
N ILE B 241 27.91 0.03 -14.11
CA ILE B 241 27.43 0.10 -15.49
C ILE B 241 26.41 1.22 -15.72
N ALA B 242 25.89 1.85 -14.66
CA ALA B 242 25.01 2.99 -14.84
C ALA B 242 25.18 3.92 -13.66
N GLN B 243 25.65 5.13 -13.94
CA GLN B 243 25.87 6.14 -12.93
C GLN B 243 24.75 7.19 -12.99
N GLY B 244 24.08 7.40 -11.87
CA GLY B 244 23.15 8.49 -11.72
C GLY B 244 23.65 9.59 -10.79
N VAL B 245 22.72 10.48 -10.42
CA VAL B 245 23.01 11.58 -9.51
C VAL B 245 22.08 11.48 -8.31
N ALA B 246 22.47 12.17 -7.25
CA ALA B 246 21.69 12.22 -6.03
C ALA B 246 20.80 13.46 -6.08
N ASN B 247 19.63 13.35 -5.45
CA ASN B 247 18.70 14.47 -5.30
C ASN B 247 18.07 14.89 -6.63
N ASP B 248 17.74 13.91 -7.46
CA ASP B 248 16.99 14.15 -8.67
C ASP B 248 15.74 13.29 -8.72
N ASP B 249 15.24 12.80 -7.54
CA ASP B 249 13.96 12.08 -7.61
C ASP B 249 12.77 13.06 -7.60
N PRO B 250 11.62 12.64 -8.15
CA PRO B 250 10.55 13.62 -8.46
C PRO B 250 10.18 14.57 -7.33
N ARG B 251 10.17 14.10 -6.08
CA ARG B 251 9.71 14.93 -4.97
C ARG B 251 10.43 16.27 -4.91
N VAL B 252 11.69 16.33 -5.35
CA VAL B 252 12.46 17.56 -5.22
C VAL B 252 11.90 18.71 -6.06
N TYR B 253 11.03 18.43 -7.03
CA TYR B 253 10.46 19.46 -7.89
C TYR B 253 9.08 19.94 -7.43
N MET B 254 8.57 19.42 -6.29
CA MET B 254 7.41 19.94 -5.60
C MET B 254 7.81 21.11 -4.70
N PRO B 255 6.92 22.08 -4.45
CA PRO B 255 7.26 23.15 -3.48
C PRO B 255 7.62 22.62 -2.10
N SER B 256 6.96 21.55 -1.64
CA SER B 256 7.23 21.09 -0.29
C SER B 256 6.93 19.60 -0.18
N SER B 257 7.84 18.75 -0.64
CA SER B 257 7.60 17.32 -0.66
C SER B 257 8.79 16.54 -0.13
N MET B 258 9.72 17.22 0.55
CA MET B 258 10.88 16.55 1.12
C MET B 258 10.58 15.79 2.39
N HIS B 259 9.35 15.88 2.90
CA HIS B 259 8.92 14.97 3.95
C HIS B 259 8.61 13.57 3.44
N GLU B 260 8.46 13.38 2.13
CA GLU B 260 8.10 12.06 1.60
C GLU B 260 9.34 11.22 1.37
N GLN B 261 9.20 9.91 1.57
CA GLN B 261 10.31 8.98 1.41
C GLN B 261 11.01 9.18 0.07
N PRO B 262 12.33 9.34 0.05
CA PRO B 262 13.04 9.49 -1.22
C PRO B 262 13.21 8.16 -1.94
N TRP B 263 13.10 8.19 -3.27
CA TRP B 263 13.39 7.03 -4.12
C TRP B 263 14.49 7.46 -5.09
N ASP B 264 15.72 7.52 -4.55
CA ASP B 264 16.82 8.21 -5.19
C ASP B 264 17.96 7.23 -5.50
N ALA B 265 17.89 6.60 -6.67
CA ALA B 265 18.97 5.70 -7.11
C ALA B 265 20.24 6.49 -7.37
N TYR B 266 21.39 5.94 -6.95
CA TYR B 266 22.65 6.61 -7.25
C TYR B 266 23.52 5.86 -8.28
N ALA B 267 23.70 4.54 -8.15
CA ALA B 267 24.64 3.85 -9.03
C ALA B 267 24.29 2.36 -9.08
N LEU B 268 24.57 1.76 -10.24
CA LEU B 268 24.25 0.37 -10.50
C LEU B 268 25.53 -0.32 -10.96
N TYR B 269 25.94 -1.36 -10.24
CA TYR B 269 27.09 -2.18 -10.59
C TYR B 269 26.61 -3.53 -11.11
N SER B 270 27.41 -4.14 -12.00
CA SER B 270 27.10 -5.48 -12.51
C SER B 270 28.35 -6.37 -12.56
N ALA B 271 28.16 -7.66 -12.27
CA ALA B 271 29.17 -8.69 -12.46
C ALA B 271 28.47 -9.97 -12.90
N TRP B 272 29.27 -10.98 -13.29
CA TRP B 272 28.71 -12.25 -13.71
C TRP B 272 29.74 -13.36 -13.56
N ASP B 273 29.24 -14.61 -13.44
CA ASP B 273 30.07 -15.81 -13.52
C ASP B 273 29.35 -16.85 -14.36
N ASP B 274 29.54 -18.14 -14.09
CA ASP B 274 28.82 -19.13 -14.90
C ASP B 274 27.44 -19.42 -14.37
N ASP B 275 27.12 -18.97 -13.16
CA ASP B 275 25.84 -19.22 -12.52
C ASP B 275 24.89 -18.04 -12.57
N ASN B 276 25.37 -16.82 -12.34
CA ASN B 276 24.47 -15.72 -12.02
C ASN B 276 24.88 -14.41 -12.68
N LEU B 277 23.88 -13.54 -12.84
CA LEU B 277 24.08 -12.13 -13.10
C LEU B 277 23.98 -11.37 -11.78
N TYR B 278 25.03 -10.64 -11.41
CA TYR B 278 25.02 -9.95 -10.11
C TYR B 278 24.81 -8.45 -10.25
N PHE B 279 24.12 -7.87 -9.29
CA PHE B 279 23.86 -6.44 -9.32
C PHE B 279 24.05 -5.86 -7.92
N LEU B 280 24.76 -4.75 -7.83
CA LEU B 280 24.74 -3.91 -6.64
C LEU B 280 23.96 -2.64 -6.96
N LEU B 281 22.93 -2.33 -6.17
CA LEU B 281 22.20 -1.08 -6.31
C LEU B 281 22.49 -0.16 -5.12
N GLU B 282 22.88 1.08 -5.43
CA GLU B 282 23.17 2.12 -4.45
C GLU B 282 22.07 3.17 -4.50
N MET B 283 21.50 3.47 -3.34
CA MET B 283 20.47 4.49 -3.19
C MET B 283 20.93 5.49 -2.13
N ALA B 284 20.61 6.77 -2.35
CA ALA B 284 21.08 7.83 -1.47
C ALA B 284 19.89 8.52 -0.83
N ASN B 285 20.13 9.14 0.31
CA ASN B 285 19.13 9.96 0.99
C ASN B 285 19.83 11.23 1.48
N THR B 286 19.76 12.29 0.67
CA THR B 286 20.37 13.56 1.04
C THR B 286 19.42 14.47 1.81
N THR B 287 18.31 13.94 2.35
CA THR B 287 17.37 14.82 3.02
C THR B 287 18.01 15.49 4.22
N TYR B 288 18.82 14.73 4.99
CA TYR B 288 19.55 15.29 6.13
C TYR B 288 20.19 16.63 5.82
N ILE B 289 20.63 16.83 4.59
CA ILE B 289 21.40 18.02 4.22
C ILE B 289 20.52 19.12 3.62
N THR B 290 19.62 18.76 2.71
CA THR B 290 18.82 19.75 1.99
C THR B 290 17.60 20.22 2.81
N SER B 291 17.07 19.37 3.71
CA SER B 291 15.85 19.68 4.44
C SER B 291 15.80 18.86 5.72
N PRO B 292 16.70 19.14 6.67
CA PRO B 292 16.70 18.39 7.94
C PRO B 292 15.42 18.54 8.76
N GLU B 293 14.66 19.62 8.57
CA GLU B 293 13.42 19.80 9.30
C GLU B 293 12.38 18.74 8.93
N ASP B 294 12.43 18.22 7.69
CA ASP B 294 11.56 17.12 7.25
C ASP B 294 12.19 15.82 7.72
N ASN B 295 11.99 15.51 9.01
CA ASN B 295 12.75 14.47 9.67
C ASN B 295 12.21 13.06 9.45
N PHE B 296 11.00 12.91 8.87
CA PHE B 296 10.58 11.58 8.43
C PHE B 296 11.53 11.04 7.37
N ALA B 297 11.77 11.84 6.33
CA ALA B 297 12.67 11.46 5.25
C ALA B 297 14.13 11.63 5.67
N ALA B 298 14.41 12.58 6.55
CA ALA B 298 15.74 12.82 7.09
C ALA B 298 16.00 11.99 8.34
N SER B 299 15.72 10.69 8.22
CA SER B 299 15.94 9.71 9.28
C SER B 299 15.89 8.35 8.62
N ASN B 300 16.13 7.30 9.41
CA ASN B 300 16.06 5.95 8.87
C ASN B 300 14.63 5.45 8.69
N GLU B 301 13.63 6.27 9.00
CA GLU B 301 12.26 5.93 8.59
C GLU B 301 12.14 5.90 7.07
N ALA B 302 13.07 6.52 6.37
CA ALA B 302 13.04 6.58 4.92
C ALA B 302 13.57 5.31 4.25
N ARG B 303 13.93 4.28 5.01
CA ARG B 303 14.48 3.09 4.40
C ARG B 303 13.48 2.48 3.42
N PRO B 304 13.92 2.06 2.23
CA PRO B 304 12.97 1.55 1.23
C PRO B 304 12.33 0.23 1.62
N TRP B 305 12.89 -0.50 2.58
CA TRP B 305 12.28 -1.76 3.01
C TRP B 305 11.29 -1.59 4.15
N ARG B 306 10.85 -0.36 4.45
CA ARG B 306 9.82 -0.21 5.48
C ARG B 306 8.52 -0.87 5.03
N ASN B 307 8.19 -0.72 3.76
CA ASN B 307 7.02 -1.33 3.14
C ASN B 307 7.46 -2.04 1.87
N SER B 308 6.61 -2.92 1.35
CA SER B 308 6.91 -3.69 0.14
C SER B 308 6.57 -2.84 -1.09
N ILE B 309 7.59 -2.36 -1.77
CA ILE B 309 7.46 -1.45 -2.90
C ILE B 309 8.06 -2.13 -4.12
N PRO B 310 7.36 -2.22 -5.23
CA PRO B 310 7.94 -2.90 -6.41
C PRO B 310 9.19 -2.23 -6.95
N MET B 311 10.17 -3.06 -7.28
CA MET B 311 11.36 -2.69 -8.02
C MET B 311 11.52 -3.65 -9.20
N TYR B 312 12.21 -3.19 -10.22
CA TYR B 312 12.29 -3.91 -11.48
C TYR B 312 13.70 -3.81 -12.02
N LEU B 313 14.18 -4.91 -12.56
CA LEU B 313 15.39 -4.93 -13.37
C LEU B 313 14.90 -5.34 -14.76
N ALA B 314 14.95 -4.42 -15.71
CA ALA B 314 14.53 -4.71 -17.08
C ALA B 314 15.74 -5.15 -17.88
N LEU B 315 15.59 -6.25 -18.60
CA LEU B 315 16.71 -6.83 -19.31
C LEU B 315 16.36 -6.97 -20.78
N SER B 316 17.37 -6.80 -21.62
CA SER B 316 17.26 -7.13 -23.03
C SER B 316 18.20 -8.29 -23.27
N ILE B 317 17.65 -9.50 -23.34
CA ILE B 317 18.44 -10.67 -23.72
C ILE B 317 18.51 -10.80 -25.23
N ASP B 318 17.35 -10.89 -25.90
CA ASP B 318 17.32 -10.89 -27.36
C ASP B 318 17.22 -9.45 -27.86
N PRO B 319 18.27 -8.90 -28.48
CA PRO B 319 18.26 -7.44 -28.79
C PRO B 319 17.16 -7.00 -29.74
N ALA B 320 16.60 -7.89 -30.56
CA ALA B 320 15.60 -7.49 -31.54
C ALA B 320 14.21 -7.33 -30.92
N LYS B 321 13.91 -8.04 -29.83
CA LYS B 321 12.55 -8.03 -29.28
C LYS B 321 12.19 -6.69 -28.65
N GLN B 322 10.96 -6.24 -28.90
CA GLN B 322 10.46 -4.99 -28.32
C GLN B 322 9.23 -5.31 -27.48
N ALA B 323 9.33 -5.07 -26.17
CA ALA B 323 8.26 -5.31 -25.22
C ALA B 323 7.82 -3.97 -24.63
N THR B 324 6.57 -3.59 -24.89
CA THR B 324 6.12 -2.27 -24.48
C THR B 324 5.89 -2.17 -22.98
N GLY B 325 5.77 -3.29 -22.29
CA GLY B 325 5.32 -3.34 -20.93
C GLY B 325 4.01 -4.06 -20.79
N LYS B 326 3.27 -4.18 -21.89
CA LYS B 326 1.98 -4.87 -21.88
C LYS B 326 2.16 -6.31 -21.40
N ALA B 327 1.16 -6.80 -20.68
CA ALA B 327 1.17 -8.14 -20.11
C ALA B 327 -0.05 -8.92 -20.57
N VAL B 328 0.12 -10.26 -20.59
CA VAL B 328 -0.90 -11.19 -21.06
C VAL B 328 -0.90 -12.43 -20.18
N GLY B 329 -2.08 -13.04 -20.05
CA GLY B 329 -2.25 -14.23 -19.23
C GLY B 329 -3.56 -14.89 -19.59
N THR B 330 -3.77 -16.08 -19.05
CA THR B 330 -4.98 -16.85 -19.37
C THR B 330 -5.73 -17.15 -18.08
N ASN B 331 -7.05 -17.00 -18.15
CA ASN B 331 -7.92 -17.27 -17.02
C ASN B 331 -8.13 -18.76 -16.86
N LYS B 332 -8.75 -19.11 -15.73
CA LYS B 332 -8.95 -20.53 -15.44
C LYS B 332 -9.86 -21.18 -16.47
N ASP B 333 -10.71 -20.40 -17.13
CA ASP B 333 -11.61 -20.91 -18.16
C ASP B 333 -10.98 -20.91 -19.54
N GLY B 334 -9.69 -20.55 -19.64
CA GLY B 334 -8.99 -20.53 -20.89
C GLY B 334 -8.98 -19.19 -21.60
N SER B 335 -9.85 -18.26 -21.22
CA SER B 335 -9.89 -16.97 -21.90
C SER B 335 -8.62 -16.17 -21.64
N VAL B 336 -8.31 -15.27 -22.56
CA VAL B 336 -7.08 -14.47 -22.51
C VAL B 336 -7.42 -13.07 -22.03
N TYR B 337 -6.58 -12.54 -21.15
CA TYR B 337 -6.70 -11.16 -20.70
C TYR B 337 -5.37 -10.45 -20.89
N THR B 338 -5.39 -9.13 -20.79
CA THR B 338 -4.16 -8.34 -20.85
C THR B 338 -4.23 -7.19 -19.85
N ASN B 339 -3.06 -6.76 -19.41
CA ASN B 339 -2.88 -5.55 -18.61
C ASN B 339 -1.78 -4.69 -19.22
N PRO B 340 -1.88 -3.36 -19.14
CA PRO B 340 -0.82 -2.51 -19.72
C PRO B 340 0.52 -2.64 -19.02
N PHE B 341 0.57 -3.14 -17.78
CA PHE B 341 1.81 -3.43 -17.05
C PHE B 341 1.64 -4.72 -16.24
N VAL B 342 2.75 -5.32 -15.83
CA VAL B 342 2.65 -6.62 -15.15
C VAL B 342 1.97 -6.48 -13.81
N TRP B 343 2.31 -5.41 -13.07
CA TRP B 343 1.77 -5.09 -11.76
C TRP B 343 1.25 -3.65 -11.78
N GLY B 344 0.21 -3.38 -10.97
CA GLY B 344 -0.38 -2.07 -10.79
C GLY B 344 -1.89 -2.12 -10.84
N CYS B 345 -2.52 -0.94 -10.92
CA CYS B 345 -3.98 -0.88 -10.96
C CYS B 345 -4.53 -1.07 -12.36
N THR B 349 -10.83 1.08 -14.23
CA THR B 349 -11.02 2.50 -14.57
C THR B 349 -9.91 3.33 -13.93
N ALA B 350 -9.12 2.71 -13.06
CA ALA B 350 -8.03 3.41 -12.41
C ALA B 350 -6.88 3.65 -13.38
N LYS B 351 -6.17 4.77 -13.16
CA LYS B 351 -5.03 5.18 -13.97
C LYS B 351 -3.90 5.64 -13.03
N ASP B 352 -3.32 4.68 -12.30
CA ASP B 352 -2.15 4.92 -11.46
C ASP B 352 -0.82 4.65 -12.17
N GLY B 353 -0.86 4.12 -13.40
CA GLY B 353 0.29 4.18 -14.29
C GLY B 353 1.26 3.02 -14.17
N GLY B 354 2.47 3.27 -14.69
CA GLY B 354 3.51 2.27 -14.77
C GLY B 354 4.59 2.75 -15.73
N THR B 355 5.47 1.82 -16.10
CA THR B 355 6.63 2.16 -16.92
C THR B 355 6.63 1.30 -18.19
N GLY B 356 6.34 1.93 -19.33
CA GLY B 356 6.45 1.28 -20.61
C GLY B 356 7.80 1.53 -21.23
N PHE B 357 8.08 0.82 -22.32
CA PHE B 357 9.41 0.80 -22.91
C PHE B 357 9.35 0.97 -24.42
N THR B 358 10.07 1.96 -24.92
CA THR B 358 10.36 2.04 -26.34
C THR B 358 11.70 1.40 -26.68
N THR B 359 12.75 1.69 -25.91
CA THR B 359 13.97 0.90 -26.03
C THR B 359 13.64 -0.58 -25.85
N HIS B 360 14.39 -1.44 -26.55
CA HIS B 360 14.12 -2.87 -26.55
C HIS B 360 14.47 -3.51 -25.22
N ILE B 361 13.53 -4.30 -24.69
CA ILE B 361 13.72 -5.21 -23.56
C ILE B 361 12.82 -6.41 -23.84
N ASP B 362 13.21 -7.56 -23.29
CA ASP B 362 12.36 -8.73 -23.41
C ASP B 362 12.18 -9.49 -22.11
N THR B 363 12.84 -9.07 -21.03
CA THR B 363 12.79 -9.78 -19.75
C THR B 363 12.59 -8.77 -18.62
N LEU B 364 11.82 -9.17 -17.62
CA LEU B 364 11.55 -8.29 -16.50
C LEU B 364 11.67 -9.06 -15.19
N VAL B 365 12.65 -8.67 -14.36
CA VAL B 365 12.77 -9.19 -13.00
C VAL B 365 11.93 -8.28 -12.09
N ALA B 366 10.80 -8.78 -11.63
CA ALA B 366 9.91 -8.00 -10.78
C ALA B 366 10.06 -8.46 -9.33
N PHE B 367 10.66 -7.61 -8.49
CA PHE B 367 10.81 -7.92 -7.07
C PHE B 367 10.32 -6.76 -6.20
N ASP B 368 10.55 -6.79 -4.88
CA ASP B 368 9.96 -5.80 -3.97
C ASP B 368 10.95 -5.37 -2.89
N SER B 369 10.81 -4.11 -2.44
CA SER B 369 11.87 -3.44 -1.68
C SER B 369 12.18 -4.06 -0.32
N ASN B 370 11.30 -4.88 0.25
CA ASN B 370 11.66 -5.56 1.50
C ASN B 370 11.67 -7.07 1.32
N ASN B 371 11.52 -7.53 0.08
CA ASN B 371 11.62 -8.95 -0.26
C ASN B 371 10.60 -9.75 0.53
N SER B 372 9.36 -9.32 0.45
CA SER B 372 8.26 -10.01 1.10
C SER B 372 7.16 -10.41 0.15
N ASN B 373 7.21 -9.98 -1.12
CA ASN B 373 6.18 -10.33 -2.08
C ASN B 373 6.42 -11.73 -2.63
N GLY B 374 5.62 -12.71 -2.19
CA GLY B 374 5.73 -14.05 -2.72
C GLY B 374 5.53 -14.13 -4.22
N GLY B 375 4.91 -13.11 -4.84
CA GLY B 375 4.65 -13.13 -6.25
C GLY B 375 5.73 -12.50 -7.11
N ALA B 376 6.83 -12.05 -6.51
CA ALA B 376 7.98 -11.61 -7.27
C ALA B 376 8.34 -12.68 -8.29
N SER B 377 8.60 -12.26 -9.52
CA SER B 377 8.73 -13.17 -10.64
C SER B 377 9.64 -12.56 -11.68
N ILE B 378 10.20 -13.43 -12.51
CA ILE B 378 10.93 -13.02 -13.69
C ILE B 378 10.01 -13.23 -14.89
N PHE B 379 9.58 -12.12 -15.51
CA PHE B 379 8.63 -12.15 -16.60
C PHE B 379 9.37 -12.17 -17.95
N LYS B 380 8.87 -12.98 -18.88
CA LYS B 380 9.47 -13.07 -20.20
C LYS B 380 8.48 -12.58 -21.24
N ALA B 381 8.94 -11.74 -22.17
CA ALA B 381 8.06 -11.24 -23.22
C ALA B 381 8.08 -12.26 -24.37
N ASP B 382 7.34 -13.35 -24.17
CA ASP B 382 7.38 -14.48 -25.08
C ASP B 382 6.10 -14.64 -25.91
N THR B 383 5.16 -13.70 -25.84
CA THR B 383 3.89 -13.81 -26.55
C THR B 383 3.73 -12.58 -27.43
N GLN B 384 3.62 -12.80 -28.74
CA GLN B 384 3.57 -11.69 -29.68
C GLN B 384 2.18 -11.05 -29.74
N ASP B 385 2.12 -9.71 -29.68
CA ASP B 385 0.86 -8.97 -29.75
C ASP B 385 0.49 -8.64 -31.20
N THR B 386 -0.70 -8.07 -31.37
CA THR B 386 -1.22 -7.84 -32.71
C THR B 386 -0.35 -6.89 -33.52
N ASP B 387 0.44 -6.03 -32.86
CA ASP B 387 1.23 -5.01 -33.52
C ASP B 387 2.68 -5.43 -33.72
N GLY B 388 3.00 -6.71 -33.49
CA GLY B 388 4.34 -7.20 -33.67
C GLY B 388 5.26 -7.05 -32.46
N THR B 389 4.83 -6.30 -31.45
CA THR B 389 5.58 -6.26 -30.20
C THR B 389 5.26 -7.50 -29.37
N TYR B 390 6.04 -7.71 -28.31
CA TYR B 390 5.85 -8.85 -27.45
C TYR B 390 5.27 -8.42 -26.09
N MET B 391 4.53 -9.32 -25.46
CA MET B 391 3.90 -9.04 -24.17
C MET B 391 4.50 -9.93 -23.08
N PHE B 392 4.52 -9.41 -21.85
CA PHE B 392 5.02 -10.20 -20.74
C PHE B 392 3.95 -11.22 -20.33
N ASN B 393 4.37 -12.47 -20.10
CA ASN B 393 3.44 -13.58 -19.98
C ASN B 393 3.33 -14.05 -18.54
N TYR B 394 2.16 -13.88 -17.95
CA TYR B 394 1.94 -14.42 -16.61
C TYR B 394 2.10 -15.93 -16.60
N ASP B 395 1.72 -16.61 -17.70
CA ASP B 395 1.60 -18.08 -17.69
C ASP B 395 2.96 -18.77 -17.67
N THR B 396 4.04 -18.07 -18.05
CA THR B 396 5.38 -18.65 -18.15
C THR B 396 6.37 -17.94 -17.23
N ARG B 397 5.89 -17.19 -16.25
CA ARG B 397 6.80 -16.49 -15.38
C ARG B 397 7.52 -17.48 -14.48
N ILE B 398 8.73 -17.12 -14.05
CA ILE B 398 9.53 -17.93 -13.14
C ILE B 398 9.44 -17.30 -11.76
N PRO B 399 8.81 -17.95 -10.79
CA PRO B 399 8.70 -17.35 -9.46
C PRO B 399 10.06 -17.24 -8.78
N ILE B 400 10.28 -16.12 -8.10
CA ILE B 400 11.50 -15.87 -7.36
C ILE B 400 11.23 -15.34 -5.97
N GLY B 401 9.96 -15.16 -5.58
CA GLY B 401 9.65 -14.57 -4.30
C GLY B 401 9.74 -15.56 -3.15
N VAL B 402 9.90 -15.03 -1.95
CA VAL B 402 10.13 -15.90 -0.81
C VAL B 402 8.86 -16.70 -0.51
N THR B 403 9.04 -17.79 0.24
CA THR B 403 7.88 -18.50 0.77
C THR B 403 7.30 -17.77 1.98
N SER B 404 8.17 -17.32 2.87
CA SER B 404 7.76 -16.53 4.02
C SER B 404 8.75 -15.40 4.23
N PHE B 405 8.23 -14.22 4.57
CA PHE B 405 9.09 -13.07 4.79
C PHE B 405 10.19 -13.39 5.80
N GLN B 406 9.87 -14.12 6.87
CA GLN B 406 10.89 -14.38 7.89
C GLN B 406 12.00 -15.28 7.37
N ALA B 407 11.68 -16.24 6.51
CA ALA B 407 12.71 -17.15 6.05
C ALA B 407 13.61 -16.53 4.98
N GLN B 408 13.11 -15.58 4.19
CA GLN B 408 13.88 -15.02 3.07
C GLN B 408 14.37 -16.13 2.13
N ASP B 409 13.52 -17.14 1.93
CA ASP B 409 13.82 -18.28 1.07
C ASP B 409 13.22 -18.04 -0.31
N ASN B 410 13.93 -17.24 -1.10
CA ASN B 410 13.54 -16.96 -2.48
C ASN B 410 13.66 -18.21 -3.35
N LYS B 411 12.78 -18.32 -4.32
CA LYS B 411 12.68 -19.50 -5.14
C LYS B 411 13.57 -19.38 -6.38
N ASN B 412 13.90 -20.55 -6.95
CA ASN B 412 14.58 -20.69 -8.24
C ASN B 412 15.93 -19.97 -8.28
N GLY B 413 16.58 -19.84 -7.11
CA GLY B 413 17.95 -19.37 -7.01
C GLY B 413 18.13 -17.87 -6.93
N PHE B 414 17.06 -17.09 -7.08
CA PHE B 414 17.16 -15.65 -6.90
C PHE B 414 17.68 -15.35 -5.50
N LYS B 415 18.64 -14.42 -5.40
CA LYS B 415 19.17 -13.99 -4.11
C LYS B 415 19.13 -12.47 -4.00
N ILE B 416 18.73 -11.97 -2.83
CA ILE B 416 18.64 -10.52 -2.61
C ILE B 416 18.95 -10.19 -1.16
N LYS B 417 19.85 -9.22 -0.95
CA LYS B 417 20.15 -8.72 0.38
C LYS B 417 20.15 -7.19 0.38
N TYR B 418 19.60 -6.58 1.44
CA TYR B 418 19.62 -5.14 1.54
C TYR B 418 20.08 -4.70 2.92
N ALA B 419 20.57 -3.46 2.99
CA ALA B 419 21.23 -2.96 4.18
C ALA B 419 21.50 -1.48 4.01
N ASN B 420 21.82 -0.83 5.13
CA ASN B 420 22.31 0.54 5.09
C ASN B 420 23.77 0.56 4.72
N GLY B 421 24.17 1.64 4.07
CA GLY B 421 25.55 1.81 3.73
C GLY B 421 25.73 2.44 2.37
N THR B 422 26.98 2.69 2.01
CA THR B 422 27.35 3.43 0.80
C THR B 422 28.69 2.90 0.30
N LYS B 423 28.78 2.65 -1.00
CA LYS B 423 30.01 2.17 -1.61
C LYS B 423 30.82 3.27 -2.29
N SER B 424 30.18 4.16 -3.05
CA SER B 424 30.89 5.32 -3.59
C SER B 424 31.46 6.15 -2.45
N THR B 425 32.57 6.82 -2.72
CA THR B 425 33.10 7.82 -1.79
C THR B 425 32.77 9.23 -2.23
N SER B 426 31.97 9.38 -3.28
CA SER B 426 31.43 10.68 -3.68
C SER B 426 29.95 10.52 -4.00
N ILE B 427 29.16 11.50 -3.58
CA ILE B 427 27.71 11.50 -3.78
C ILE B 427 27.35 12.84 -4.43
N PHE B 428 27.41 12.89 -5.76
CA PHE B 428 27.18 14.13 -6.48
C PHE B 428 25.69 14.42 -6.68
N GLY B 429 25.34 15.70 -6.56
CA GLY B 429 24.00 16.14 -6.89
C GLY B 429 23.89 17.62 -6.59
N ILE B 430 22.70 18.16 -6.88
CA ILE B 430 22.40 19.57 -6.69
C ILE B 430 21.99 19.77 -5.23
N ASN B 431 22.68 20.68 -4.54
CA ASN B 431 22.33 21.04 -3.16
C ASN B 431 21.48 22.29 -3.19
N ALA B 432 20.17 22.15 -2.97
CA ALA B 432 19.25 23.28 -3.02
C ALA B 432 18.13 23.09 -2.03
N PRO B 433 17.57 24.17 -1.48
CA PRO B 433 16.48 24.06 -0.51
C PRO B 433 15.20 23.56 -1.18
N LYS B 434 14.27 23.12 -0.33
CA LYS B 434 13.01 22.58 -0.83
C LYS B 434 12.27 23.62 -1.65
N GLY B 435 11.64 23.18 -2.75
CA GLY B 435 10.86 24.07 -3.58
C GLY B 435 11.66 25.11 -4.33
N SER B 436 12.98 24.94 -4.41
CA SER B 436 13.84 25.90 -5.07
C SER B 436 14.49 25.35 -6.35
N ARG B 437 14.04 24.21 -6.86
CA ARG B 437 14.67 23.62 -8.03
C ARG B 437 14.03 24.14 -9.31
N VAL B 438 14.67 23.84 -10.43
CA VAL B 438 14.13 24.21 -11.74
C VAL B 438 14.18 22.99 -12.64
N MET B 439 13.07 22.74 -13.32
CA MET B 439 12.96 21.57 -14.16
C MET B 439 14.11 21.54 -15.16
N GLY B 440 14.81 20.40 -15.21
CA GLY B 440 15.96 20.22 -16.07
C GLY B 440 17.30 20.58 -15.46
N ASP B 441 17.34 20.99 -14.19
CA ASP B 441 18.61 21.50 -13.67
C ASP B 441 19.70 20.43 -13.58
N ASN B 442 19.34 19.13 -13.66
CA ASN B 442 20.34 18.06 -13.63
C ASN B 442 21.17 17.98 -14.91
N LEU B 443 20.68 18.55 -15.99
CA LEU B 443 21.47 18.64 -17.22
C LEU B 443 22.20 19.97 -17.33
N ASP B 444 22.06 20.87 -16.36
CA ASP B 444 22.72 22.18 -16.37
C ASP B 444 24.00 22.09 -15.53
N MET B 445 25.15 22.18 -16.20
CA MET B 445 26.44 22.05 -15.52
C MET B 445 26.71 23.20 -14.57
N ASN B 446 25.90 24.26 -14.60
CA ASN B 446 26.13 25.41 -13.74
C ASN B 446 25.16 25.47 -12.55
N SER B 447 24.25 24.51 -12.44
CA SER B 447 23.52 24.31 -11.19
C SER B 447 24.49 24.11 -10.02
N ASN B 448 23.95 24.18 -8.81
CA ASN B 448 24.76 24.11 -7.59
C ASN B 448 25.14 22.66 -7.27
N TRP B 449 25.89 22.05 -8.18
CA TRP B 449 26.39 20.71 -7.97
C TRP B 449 27.35 20.68 -6.77
N VAL B 450 27.19 19.66 -5.92
CA VAL B 450 28.11 19.42 -4.82
C VAL B 450 28.39 17.92 -4.72
N ASP B 451 29.48 17.58 -4.04
CA ASP B 451 29.69 16.24 -3.48
C ASP B 451 29.14 16.25 -2.05
N PHE B 452 28.00 15.59 -1.83
CA PHE B 452 27.36 15.67 -0.51
C PHE B 452 28.23 15.14 0.62
N PHE B 453 29.30 14.39 0.33
CA PHE B 453 30.22 14.03 1.41
C PHE B 453 30.97 15.25 1.94
N ASP B 454 31.13 16.27 1.10
CA ASP B 454 31.67 17.55 1.57
C ASP B 454 30.67 18.33 2.41
N GLU B 455 29.43 17.85 2.56
CA GLU B 455 28.36 18.64 3.16
C GLU B 455 27.70 17.95 4.34
N GLY B 456 28.36 16.96 4.93
CA GLY B 456 27.84 16.22 6.06
C GLY B 456 27.19 14.87 5.75
N TYR B 457 27.26 14.39 4.51
CA TYR B 457 26.70 13.07 4.23
C TYR B 457 27.44 12.00 5.01
N LYS B 458 26.75 10.88 5.28
CA LYS B 458 27.35 9.78 6.03
C LYS B 458 26.98 8.44 5.40
N ASN B 459 27.84 7.45 5.62
CA ASN B 459 27.68 6.15 4.97
C ASN B 459 26.31 5.54 5.24
N SER B 460 25.87 5.57 6.50
CA SER B 460 24.60 4.96 6.87
C SER B 460 23.38 5.75 6.38
N TYR B 461 23.56 6.94 5.81
CA TYR B 461 22.44 7.59 5.15
C TYR B 461 21.95 6.78 3.95
N GLY B 462 22.87 6.07 3.25
CA GLY B 462 22.51 5.39 2.02
C GLY B 462 21.94 4.00 2.26
N TYR B 463 21.32 3.46 1.20
CA TYR B 463 20.83 2.09 1.17
C TYR B 463 21.44 1.33 -0.01
N VAL B 464 21.57 0.01 0.14
CA VAL B 464 22.20 -0.82 -0.89
C VAL B 464 21.40 -2.12 -1.02
N TYR B 465 21.32 -2.62 -2.26
CA TYR B 465 20.73 -3.92 -2.56
C TYR B 465 21.74 -4.77 -3.32
N GLU B 466 21.93 -6.01 -2.88
CA GLU B 466 22.81 -6.96 -3.56
C GLU B 466 21.98 -8.10 -4.14
N ILE B 467 22.10 -8.33 -5.45
CA ILE B 467 21.14 -9.16 -6.17
C ILE B 467 21.87 -10.21 -7.00
N ALA B 468 21.30 -11.42 -7.09
CA ALA B 468 21.77 -12.41 -8.04
C ALA B 468 20.59 -12.94 -8.83
N VAL B 469 20.69 -12.89 -10.16
CA VAL B 469 19.68 -13.45 -11.06
C VAL B 469 20.31 -14.67 -11.75
N PRO B 470 19.84 -15.89 -11.49
CA PRO B 470 20.44 -17.07 -12.13
C PRO B 470 20.37 -17.00 -13.65
N LEU B 471 21.49 -17.33 -14.31
CA LEU B 471 21.52 -17.34 -15.77
C LEU B 471 20.50 -18.31 -16.35
N ASN B 472 20.31 -19.48 -15.73
CA ASN B 472 19.35 -20.41 -16.30
C ASN B 472 17.93 -19.86 -16.29
N THR B 473 17.64 -18.86 -15.46
CA THR B 473 16.32 -18.22 -15.54
C THR B 473 16.23 -17.23 -16.69
N LEU B 474 17.38 -16.79 -17.22
CA LEU B 474 17.48 -15.89 -18.37
C LEU B 474 17.63 -16.61 -19.70
N GLY B 475 18.01 -17.89 -19.68
CA GLY B 475 18.16 -18.67 -20.90
C GLY B 475 19.50 -18.52 -21.59
N ILE B 476 20.50 -18.02 -20.88
CA ILE B 476 21.81 -17.75 -21.45
C ILE B 476 22.88 -18.34 -20.55
N ASP B 477 24.13 -18.12 -20.92
CA ASP B 477 25.28 -18.61 -20.18
C ASP B 477 26.38 -17.58 -20.35
N ARG B 478 27.51 -17.83 -19.67
CA ARG B 478 28.57 -16.83 -19.62
C ARG B 478 29.12 -16.52 -20.99
N SER B 479 29.10 -17.51 -21.90
CA SER B 479 29.61 -17.26 -23.23
C SER B 479 28.75 -16.24 -23.95
N TYR B 480 27.41 -16.39 -23.85
CA TYR B 480 26.51 -15.40 -24.42
C TYR B 480 26.83 -13.98 -23.92
N ILE B 481 27.05 -13.82 -22.60
CA ILE B 481 27.22 -12.49 -22.02
C ILE B 481 28.50 -11.84 -22.55
N GLU B 482 29.58 -12.61 -22.64
CA GLU B 482 30.86 -12.07 -23.08
C GLU B 482 30.96 -11.96 -24.59
N THR B 483 30.11 -12.66 -25.34
CA THR B 483 30.12 -12.57 -26.79
C THR B 483 29.04 -11.64 -27.32
N GLN B 484 27.76 -12.00 -27.14
CA GLN B 484 26.66 -11.14 -27.58
C GLN B 484 26.47 -9.94 -26.63
N GLY B 485 26.43 -10.18 -25.32
CA GLY B 485 26.10 -9.15 -24.36
C GLY B 485 24.60 -9.01 -24.14
N ILE B 486 24.24 -8.26 -23.11
CA ILE B 486 22.83 -7.97 -22.80
C ILE B 486 22.69 -6.53 -22.34
N GLY B 487 21.45 -6.09 -22.23
CA GLY B 487 21.14 -4.75 -21.75
C GLY B 487 20.31 -4.82 -20.49
N ALA B 488 20.55 -3.86 -19.58
CA ALA B 488 19.89 -3.85 -18.27
C ALA B 488 19.53 -2.42 -17.86
N MET B 489 18.46 -2.30 -17.08
CA MET B 489 18.08 -1.04 -16.44
C MET B 489 17.38 -1.31 -15.12
N GLN B 490 17.77 -0.58 -14.07
CA GLN B 490 17.09 -0.65 -12.78
C GLN B 490 16.00 0.42 -12.70
N ILE B 491 14.80 0.04 -12.27
CA ILE B 491 13.69 0.97 -12.12
C ILE B 491 13.22 0.97 -10.67
N LEU B 492 13.14 2.17 -10.08
CA LEU B 492 12.55 2.39 -8.77
C LEU B 492 11.16 3.00 -8.94
N THR B 493 10.22 2.56 -8.12
CA THR B 493 8.86 3.09 -8.14
C THR B 493 8.47 3.47 -6.72
N TYR B 494 7.31 4.09 -6.60
CA TYR B 494 6.67 4.28 -5.30
C TYR B 494 5.23 3.81 -5.40
N GLY B 495 5.08 2.50 -5.62
CA GLY B 495 3.78 1.93 -5.87
C GLY B 495 3.64 1.45 -7.31
N THR B 496 3.49 2.39 -8.25
CA THR B 496 3.14 2.02 -9.62
C THR B 496 4.13 2.56 -10.65
N SER B 497 4.06 3.88 -10.91
CA SER B 497 4.88 4.57 -11.91
C SER B 497 6.34 4.63 -11.49
N GLY B 498 7.22 4.87 -12.48
CA GLY B 498 8.63 5.03 -12.14
C GLY B 498 8.96 6.34 -11.41
N MET B 499 10.04 6.33 -10.63
CA MET B 499 10.55 7.55 -10.01
C MET B 499 12.00 7.85 -10.40
N ASP B 500 12.80 6.80 -10.59
CA ASP B 500 14.22 6.92 -10.93
C ASP B 500 14.60 5.65 -11.70
N THR B 501 15.61 5.76 -12.55
CA THR B 501 16.13 4.62 -13.27
C THR B 501 17.64 4.75 -13.42
N LEU B 502 18.31 3.61 -13.57
CA LEU B 502 19.73 3.59 -13.92
C LEU B 502 19.92 2.66 -15.12
N PRO B 503 20.34 3.16 -16.27
CA PRO B 503 20.61 4.58 -16.61
C PRO B 503 19.38 5.49 -16.44
N HIS B 504 19.59 6.77 -16.15
CA HIS B 504 18.48 7.67 -15.86
C HIS B 504 17.77 8.07 -17.15
N ASP B 505 16.44 8.05 -17.11
CA ASP B 505 15.60 8.34 -18.26
C ASP B 505 14.78 9.60 -17.99
N PRO B 506 14.71 10.54 -18.96
CA PRO B 506 14.02 11.82 -18.69
C PRO B 506 12.54 11.66 -18.37
N SER B 507 11.91 10.56 -18.79
CA SER B 507 10.52 10.39 -18.42
C SER B 507 10.35 10.17 -16.93
N MET B 508 11.43 9.99 -16.17
CA MET B 508 11.27 9.95 -14.72
C MET B 508 10.91 11.33 -14.16
N LEU B 509 11.22 12.41 -14.89
CA LEU B 509 11.07 13.79 -14.39
C LEU B 509 10.23 14.70 -15.28
N ASP B 510 9.68 14.22 -16.39
CA ASP B 510 8.98 15.11 -17.32
C ASP B 510 7.75 15.71 -16.67
N GLN B 511 7.18 15.08 -15.64
CA GLN B 511 6.02 15.61 -14.93
C GLN B 511 6.26 15.70 -13.43
N ALA B 512 7.52 15.73 -12.99
CA ALA B 512 7.80 15.74 -11.56
C ALA B 512 7.13 16.91 -10.84
N ASN B 513 6.86 18.01 -11.52
CA ASN B 513 6.32 19.19 -10.85
C ASN B 513 4.81 19.30 -10.95
N LEU B 514 4.15 18.31 -11.52
CA LEU B 514 2.70 18.29 -11.53
C LEU B 514 2.22 17.54 -10.29
N GLU B 515 0.94 17.74 -9.95
CA GLU B 515 0.43 17.34 -8.65
C GLU B 515 -0.07 15.90 -8.64
N TYR B 516 0.19 15.23 -7.53
CA TYR B 516 -0.35 13.90 -7.28
C TYR B 516 -1.86 13.99 -7.00
N SER B 517 -2.66 13.25 -7.78
CA SER B 517 -4.12 13.34 -7.66
C SER B 517 -4.62 13.04 -6.24
N TYR B 518 -3.92 12.22 -5.48
CA TYR B 518 -4.41 11.87 -4.15
C TYR B 518 -3.93 12.84 -3.08
N ASP B 519 -2.89 13.63 -3.39
CA ASP B 519 -2.24 14.55 -2.46
C ASP B 519 -1.40 15.56 -3.22
N PRO B 520 -1.96 16.73 -3.54
CA PRO B 520 -1.26 17.65 -4.48
C PRO B 520 0.04 18.21 -3.96
N SER B 521 0.41 17.93 -2.72
CA SER B 521 1.70 18.39 -2.25
C SER B 521 2.85 17.52 -2.74
N THR B 522 2.56 16.30 -3.19
CA THR B 522 3.55 15.33 -3.68
C THR B 522 3.43 15.19 -5.20
N SER B 523 4.39 14.47 -5.81
CA SER B 523 4.53 14.53 -7.27
C SER B 523 3.62 13.55 -8.01
N HIS B 524 3.03 14.07 -9.10
CA HIS B 524 2.35 13.26 -10.10
C HIS B 524 3.24 12.16 -10.67
N GLU B 525 4.57 12.24 -10.55
CA GLU B 525 5.38 11.16 -11.10
C GLU B 525 5.05 9.81 -10.46
N LYS B 526 4.40 9.79 -9.30
CA LYS B 526 4.04 8.51 -8.68
C LYS B 526 2.94 7.77 -9.44
N GLU B 527 2.27 8.41 -10.39
CA GLU B 527 1.07 7.85 -10.97
C GLU B 527 0.98 7.97 -12.49
N ASP B 528 1.97 8.54 -13.15
CA ASP B 528 1.82 8.75 -14.57
C ASP B 528 2.36 7.56 -15.36
N ILE B 529 2.26 7.65 -16.68
CA ILE B 529 2.82 6.66 -17.59
C ILE B 529 4.19 7.16 -18.03
N ASP B 530 5.25 6.45 -17.64
CA ASP B 530 6.61 6.69 -18.10
C ASP B 530 6.89 5.88 -19.38
N ASN B 531 7.92 6.27 -20.10
CA ASN B 531 8.24 5.60 -21.36
C ASN B 531 9.75 5.63 -21.57
N ILE B 532 10.43 4.51 -21.35
CA ILE B 532 11.88 4.55 -21.44
C ILE B 532 12.29 4.70 -22.90
N THR B 533 13.15 5.69 -23.16
CA THR B 533 13.63 5.96 -24.50
C THR B 533 15.14 6.07 -24.59
N VAL B 534 15.85 6.00 -23.47
CA VAL B 534 17.32 6.06 -23.47
C VAL B 534 17.89 4.66 -23.63
N PRO B 535 19.17 4.52 -23.93
CA PRO B 535 19.77 3.18 -24.04
C PRO B 535 19.91 2.48 -22.69
N LEU B 536 19.72 1.15 -22.72
CA LEU B 536 20.07 0.33 -21.57
C LEU B 536 21.58 0.38 -21.35
N ALA B 537 21.98 0.07 -20.12
CA ALA B 537 23.39 -0.14 -19.83
C ALA B 537 23.77 -1.53 -20.32
N ARG B 538 24.84 -1.61 -21.10
CA ARG B 538 25.25 -2.89 -21.68
C ARG B 538 26.05 -3.70 -20.65
N ILE B 539 25.90 -5.01 -20.72
CA ILE B 539 26.63 -5.92 -19.84
C ILE B 539 27.33 -6.93 -20.74
N GLY B 540 28.64 -7.08 -20.54
CA GLY B 540 29.43 -8.03 -21.32
C GLY B 540 30.02 -7.47 -22.60
N ALA B 541 29.17 -7.03 -23.54
CA ALA B 541 29.70 -6.55 -24.81
C ALA B 541 28.71 -5.57 -25.45
N LEU B 542 29.26 -4.68 -26.27
CA LEU B 542 28.47 -3.69 -26.98
C LEU B 542 27.63 -4.35 -28.07
N LEU B 543 26.52 -3.71 -28.40
CA LEU B 543 25.74 -4.10 -29.57
C LEU B 543 26.58 -3.90 -30.82
N PRO B 544 26.41 -4.75 -31.84
CA PRO B 544 27.38 -4.73 -32.96
C PRO B 544 27.29 -3.47 -33.83
N ASP B 545 26.17 -2.74 -33.82
CA ASP B 545 26.03 -1.49 -34.59
C ASP B 545 26.28 -0.25 -33.75
N THR B 546 27.21 -0.32 -32.81
CA THR B 546 27.46 0.78 -31.89
C THR B 546 28.23 1.88 -32.60
N GLU B 547 27.84 3.13 -32.35
CA GLU B 547 28.60 4.29 -32.77
C GLU B 547 29.12 4.97 -31.52
N VAL B 548 30.42 5.09 -31.41
CA VAL B 548 31.04 5.70 -30.24
C VAL B 548 31.29 7.18 -30.51
N ASN B 549 30.86 8.03 -29.59
CA ASN B 549 31.08 9.48 -29.68
C ASN B 549 32.18 9.84 -28.68
N GLU B 550 33.43 9.72 -29.13
CA GLU B 550 34.55 9.85 -28.20
C GLU B 550 34.78 11.31 -27.80
N ALA B 551 34.97 11.52 -26.50
CA ALA B 551 35.32 12.85 -26.02
C ALA B 551 36.76 13.15 -26.40
N PRO B 552 37.02 14.23 -27.11
CA PRO B 552 38.39 14.48 -27.59
C PRO B 552 39.26 15.08 -26.51
N PHE B 553 40.56 14.99 -26.74
CA PHE B 553 41.56 15.51 -25.83
C PHE B 553 41.36 17.01 -25.70
N GLU B 554 41.00 17.48 -24.50
CA GLU B 554 40.73 18.89 -24.26
C GLU B 554 41.54 19.39 -23.07
N VAL B 555 41.65 20.70 -22.97
CA VAL B 555 42.47 21.35 -21.95
C VAL B 555 41.68 22.47 -21.28
N ASN B 556 41.85 22.59 -19.96
CA ASN B 556 41.30 23.70 -19.19
C ASN B 556 42.46 24.64 -18.87
N PHE B 557 42.36 25.89 -19.31
CA PHE B 557 43.50 26.78 -19.31
C PHE B 557 43.07 28.19 -18.91
N GLY B 558 44.01 28.92 -18.32
CA GLY B 558 43.82 30.34 -18.10
C GLY B 558 44.71 30.86 -17.01
N ALA B 559 44.64 32.19 -16.84
CA ALA B 559 45.36 32.89 -15.79
C ALA B 559 44.72 32.63 -14.43
N ASN B 560 45.47 32.96 -13.39
CA ASN B 560 45.01 32.82 -12.02
C ASN B 560 44.39 34.10 -11.49
N LEU B 561 44.43 35.16 -12.28
CA LEU B 561 43.80 36.43 -11.94
C LEU B 561 42.95 36.89 -13.11
N ASN B 562 41.85 37.58 -12.80
CA ASN B 562 40.97 38.08 -13.85
C ASN B 562 41.73 39.04 -14.76
N SER B 563 41.40 38.98 -16.05
CA SER B 563 41.80 40.02 -16.98
C SER B 563 41.56 41.40 -16.37
N GLY B 564 42.45 42.33 -16.66
CA GLY B 564 42.44 43.66 -16.08
C GLY B 564 43.48 43.95 -14.99
N GLN B 565 44.54 43.15 -14.87
CA GLN B 565 45.54 43.38 -13.84
C GLN B 565 46.52 44.47 -14.26
N SER B 566 47.24 45.03 -13.29
CA SER B 566 48.19 46.09 -13.56
C SER B 566 49.51 45.53 -14.10
N ALA B 567 50.19 46.35 -14.89
CA ALA B 567 51.48 45.95 -15.45
C ALA B 567 52.46 45.63 -14.33
N GLY B 568 53.30 44.63 -14.55
CA GLY B 568 54.23 44.14 -13.56
C GLY B 568 53.69 43.02 -12.70
N THR B 569 52.39 43.02 -12.42
CA THR B 569 51.76 41.96 -11.65
C THR B 569 52.09 40.60 -12.25
N PRO B 570 52.74 39.69 -11.51
CA PRO B 570 53.03 38.35 -12.05
C PRO B 570 51.76 37.55 -12.24
N ILE B 571 51.49 37.13 -13.47
CA ILE B 571 50.30 36.36 -13.82
C ILE B 571 50.70 34.91 -14.00
N THR B 572 50.13 34.03 -13.20
CA THR B 572 50.45 32.61 -13.30
C THR B 572 49.45 31.95 -14.23
N LEU B 573 49.94 31.34 -15.29
CA LEU B 573 49.10 30.64 -16.25
C LEU B 573 49.08 29.15 -15.91
N LEU B 574 47.89 28.56 -16.00
CA LEU B 574 47.67 27.19 -15.62
C LEU B 574 46.99 26.44 -16.75
N ALA B 575 47.23 25.13 -16.81
CA ALA B 575 46.56 24.28 -17.79
C ALA B 575 46.31 22.91 -17.17
N GLU B 576 45.15 22.34 -17.46
CA GLU B 576 44.75 21.01 -17.01
C GLU B 576 44.31 20.20 -18.21
N SER B 577 44.66 18.92 -18.22
CA SER B 577 44.41 18.06 -19.37
C SER B 577 43.34 17.04 -19.00
N TYR B 578 42.48 16.71 -19.97
CA TYR B 578 41.37 15.80 -19.78
C TYR B 578 41.27 14.89 -21.00
N HIS B 579 41.06 13.60 -20.76
CA HIS B 579 41.02 12.59 -21.82
C HIS B 579 42.29 12.62 -22.66
N ALA B 580 43.41 12.91 -22.00
CA ALA B 580 44.72 12.87 -22.65
C ALA B 580 45.14 11.42 -22.98
N VAL B 584 51.72 14.64 -21.15
CA VAL B 584 51.31 15.84 -21.89
C VAL B 584 52.37 16.94 -21.79
N THR B 585 52.62 17.60 -22.92
CA THR B 585 53.55 18.72 -22.99
C THR B 585 52.80 20.00 -23.32
N TYR B 586 53.07 21.06 -22.56
CA TYR B 586 52.33 22.31 -22.64
C TYR B 586 53.23 23.40 -23.20
N SER B 587 52.77 24.06 -24.26
CA SER B 587 53.46 25.19 -24.86
C SER B 587 52.62 26.43 -24.64
N PHE B 588 53.17 27.38 -23.89
CA PHE B 588 52.45 28.59 -23.47
C PHE B 588 52.85 29.75 -24.38
N THR B 589 51.86 30.48 -24.87
CA THR B 589 52.09 31.56 -25.83
C THR B 589 51.44 32.84 -25.31
N VAL B 590 52.15 33.95 -25.44
CA VAL B 590 51.59 35.27 -25.20
C VAL B 590 51.75 36.09 -26.47
N ASN B 591 50.63 36.59 -27.00
CA ASN B 591 50.58 37.35 -28.25
C ASN B 591 51.24 36.56 -29.38
N GLY B 592 50.87 35.29 -29.48
CA GLY B 592 51.38 34.44 -30.53
C GLY B 592 52.71 33.80 -30.19
N SER B 598 57.14 22.64 -22.75
CA SER B 598 57.59 21.64 -21.77
C SER B 598 56.43 20.81 -21.17
N ASN B 599 56.75 19.80 -20.36
CA ASN B 599 55.74 19.00 -19.68
C ASN B 599 55.19 19.68 -18.43
N THR B 600 55.69 20.86 -18.06
CA THR B 600 55.15 21.60 -16.91
C THR B 600 53.77 22.16 -17.22
N ASP B 601 52.86 22.01 -16.26
CA ASP B 601 51.47 22.44 -16.44
C ASP B 601 51.24 23.89 -16.04
N SER B 602 52.30 24.69 -15.86
CA SER B 602 52.16 26.06 -15.43
C SER B 602 53.28 26.90 -16.01
N CYS B 603 53.06 28.21 -16.03
CA CYS B 603 54.01 29.18 -16.52
C CYS B 603 53.67 30.53 -15.91
N VAL B 604 54.70 31.33 -15.65
CA VAL B 604 54.54 32.65 -15.04
C VAL B 604 54.72 33.70 -16.13
N TRP B 605 53.83 34.70 -16.14
CA TRP B 605 53.82 35.75 -17.16
C TRP B 605 53.70 37.10 -16.48
N THR B 606 54.65 38.00 -16.75
CA THR B 606 54.69 39.32 -16.13
C THR B 606 54.73 40.40 -17.19
N PRO B 607 53.57 40.96 -17.55
CA PRO B 607 53.55 42.00 -18.58
C PRO B 607 54.12 43.33 -18.08
N SER B 608 54.72 44.07 -19.02
CA SER B 608 55.43 45.32 -18.75
C SER B 608 54.62 46.57 -19.09
N ALA B 609 53.96 46.58 -20.23
CA ALA B 609 53.22 47.74 -20.69
C ALA B 609 51.75 47.40 -20.82
N ASP B 610 50.93 48.44 -20.95
CA ASP B 610 49.50 48.26 -21.11
C ASP B 610 49.19 47.58 -22.45
N GLY B 611 47.91 47.24 -22.64
CA GLY B 611 47.42 46.73 -23.90
C GLY B 611 46.62 45.46 -23.73
N THR B 612 46.10 44.97 -24.86
CA THR B 612 45.30 43.75 -24.92
C THR B 612 46.19 42.61 -25.43
N TYR B 613 46.35 41.58 -24.62
CA TYR B 613 47.24 40.47 -24.96
C TYR B 613 46.44 39.22 -25.32
N SER B 614 47.10 38.30 -25.99
CA SER B 614 46.45 37.06 -26.44
C SER B 614 47.22 35.89 -25.83
N ILE B 615 46.76 35.41 -24.68
CA ILE B 615 47.42 34.32 -24.00
C ILE B 615 46.84 32.98 -24.45
N GLY B 616 47.66 31.94 -24.43
CA GLY B 616 47.17 30.66 -24.93
C GLY B 616 48.10 29.52 -24.60
N VAL B 617 47.67 28.33 -25.02
CA VAL B 617 48.41 27.13 -24.74
C VAL B 617 48.10 26.07 -25.80
N VAL B 618 49.11 25.29 -26.15
CA VAL B 618 48.94 24.14 -27.02
C VAL B 618 49.46 22.90 -26.29
N ALA B 619 48.65 21.85 -26.26
CA ALA B 619 48.98 20.60 -25.58
C ALA B 619 49.02 19.47 -26.59
N VAL B 620 50.02 18.59 -26.44
CA VAL B 620 50.23 17.48 -27.35
C VAL B 620 50.26 16.17 -26.56
N ASP B 621 49.66 15.13 -27.12
CA ASP B 621 49.66 13.78 -26.54
C ASP B 621 50.98 13.06 -26.82
N ASN B 625 47.85 13.64 -30.46
CA ASN B 625 46.66 14.48 -30.24
C ASN B 625 47.04 15.90 -29.80
N LYS B 626 46.14 16.85 -30.03
CA LYS B 626 46.40 18.25 -29.75
C LYS B 626 45.17 18.89 -29.11
N ALA B 627 45.41 19.73 -28.11
CA ALA B 627 44.37 20.51 -27.45
C ALA B 627 44.83 21.95 -27.33
N GLU B 628 44.00 22.88 -27.76
CA GLU B 628 44.37 24.29 -27.83
C GLU B 628 43.34 25.14 -27.10
N SER B 629 43.79 26.29 -26.60
CA SER B 629 42.91 27.27 -25.97
C SER B 629 43.59 28.63 -26.05
N THR B 630 42.84 29.66 -26.43
CA THR B 630 43.37 31.02 -26.49
C THR B 630 42.37 31.94 -25.82
N LYS B 631 42.88 32.94 -25.11
CA LYS B 631 42.05 33.87 -24.38
C LYS B 631 42.64 35.27 -24.52
N THR B 632 41.83 36.27 -24.24
CA THR B 632 42.32 37.64 -24.20
C THR B 632 42.58 38.03 -22.75
N PHE B 633 43.56 38.91 -22.55
CA PHE B 633 43.90 39.42 -21.24
C PHE B 633 44.35 40.86 -21.41
N VAL B 634 43.82 41.75 -20.57
CA VAL B 634 44.04 43.19 -20.71
C VAL B 634 44.76 43.71 -19.48
N VAL B 635 45.49 44.81 -19.69
CA VAL B 635 46.09 45.54 -18.57
C VAL B 635 45.02 46.14 -17.66
#